data_5DEK
# 
_entry.id   5DEK 
# 
_audit_conform.dict_name       mmcif_pdbx.dic 
_audit_conform.dict_version    5.387 
_audit_conform.dict_location   http://mmcif.pdb.org/dictionaries/ascii/mmcif_pdbx.dic 
# 
loop_
_database_2.database_id 
_database_2.database_code 
_database_2.pdbx_database_accession 
_database_2.pdbx_DOI 
PDB   5DEK         pdb_00005dek 10.2210/pdb5dek/pdb 
WWPDB D_1000213094 ?            ?                   
# 
loop_
_pdbx_audit_revision_history.ordinal 
_pdbx_audit_revision_history.data_content_type 
_pdbx_audit_revision_history.major_revision 
_pdbx_audit_revision_history.minor_revision 
_pdbx_audit_revision_history.revision_date 
1 'Structure model' 1 0 2016-07-20 
2 'Structure model' 1 1 2024-03-06 
# 
_pdbx_audit_revision_details.ordinal             1 
_pdbx_audit_revision_details.revision_ordinal    1 
_pdbx_audit_revision_details.data_content_type   'Structure model' 
_pdbx_audit_revision_details.provider            repository 
_pdbx_audit_revision_details.type                'Initial release' 
_pdbx_audit_revision_details.description         ? 
_pdbx_audit_revision_details.details             ? 
# 
loop_
_pdbx_audit_revision_group.ordinal 
_pdbx_audit_revision_group.revision_ordinal 
_pdbx_audit_revision_group.data_content_type 
_pdbx_audit_revision_group.group 
1 2 'Structure model' 'Data collection'      
2 2 'Structure model' 'Database references'  
3 2 'Structure model' 'Derived calculations' 
# 
loop_
_pdbx_audit_revision_category.ordinal 
_pdbx_audit_revision_category.revision_ordinal 
_pdbx_audit_revision_category.data_content_type 
_pdbx_audit_revision_category.category 
1 2 'Structure model' atom_type             
2 2 'Structure model' chem_comp_atom        
3 2 'Structure model' chem_comp_bond        
4 2 'Structure model' database_2            
5 2 'Structure model' pdbx_struct_oper_list 
# 
loop_
_pdbx_audit_revision_item.ordinal 
_pdbx_audit_revision_item.revision_ordinal 
_pdbx_audit_revision_item.data_content_type 
_pdbx_audit_revision_item.item 
1 2 'Structure model' '_database_2.pdbx_DOI'                      
2 2 'Structure model' '_database_2.pdbx_database_accession'       
3 2 'Structure model' '_pdbx_struct_oper_list.symmetry_operation' 
# 
_pdbx_database_status.status_code                     REL 
_pdbx_database_status.status_code_sf                  REL 
_pdbx_database_status.status_code_mr                  ? 
_pdbx_database_status.entry_id                        5DEK 
_pdbx_database_status.recvd_initial_deposition_date   2015-08-25 
_pdbx_database_status.SG_entry                        N 
_pdbx_database_status.deposit_site                    RCSB 
_pdbx_database_status.process_site                    RCSB 
_pdbx_database_status.status_code_cs                  ? 
_pdbx_database_status.methods_development_category    ? 
_pdbx_database_status.pdb_format_compatible           Y 
_pdbx_database_status.status_code_nmr_data            ? 
# 
_pdbx_database_related.db_name        PDB 
_pdbx_database_related.details        . 
_pdbx_database_related.db_id          5DER 
_pdbx_database_related.content_type   unspecified 
# 
loop_
_audit_author.name 
_audit_author.pdbx_ordinal 
'Harp, J.M.' 1 
'Egli, M.'   2 
# 
_citation.abstract                  ? 
_citation.abstract_id_CAS           ? 
_citation.book_id_ISBN              ? 
_citation.book_publisher            ? 
_citation.book_publisher_city       ? 
_citation.book_title                ? 
_citation.coordinate_linkage        ? 
_citation.country                   US 
_citation.database_id_Medline       ? 
_citation.details                   ? 
_citation.id                        primary 
_citation.journal_abbrev            J.Org.Chem. 
_citation.journal_id_ASTM           JOCEAH 
_citation.journal_id_CSD            0035 
_citation.journal_id_ISSN           0022-3263 
_citation.journal_full              ? 
_citation.journal_issue             ? 
_citation.journal_volume            81 
_citation.language                  ? 
_citation.page_first                2261 
_citation.page_last                 2279 
_citation.title                     
;Structural Basis of Duplex Thermodynamic Stability and Enhanced Nuclease Resistance of 5'-C-Methyl Pyrimidine-Modified Oligonucleotides.
;
_citation.year                      2016 
_citation.database_id_CSD           ? 
_citation.pdbx_database_id_DOI      10.1021/acs.joc.5b02375 
_citation.pdbx_database_id_PubMed   26940174 
_citation.unpublished_flag          ? 
# 
loop_
_citation_author.citation_id 
_citation_author.name 
_citation_author.ordinal 
_citation_author.identifier_ORCID 
primary 'Kel In, A.V.'    1  ? 
primary 'Zlatev, I.'      2  ? 
primary 'Harp, J.'        3  ? 
primary 'Jayaraman, M.'   4  ? 
primary 'Bisbe, A.'       5  ? 
primary 'O Shea, J.'      6  ? 
primary 'Taneja, N.'      7  ? 
primary 'Manoharan, R.M.' 8  ? 
primary 'Khan, S.'        9  ? 
primary 'Charisse, K.'    10 ? 
primary 'Maier, M.A.'     11 ? 
primary 'Egli, M.'        12 ? 
primary 'Rajeev, K.G.'    13 ? 
primary 'Manoharan, M.'   14 ? 
# 
loop_
_entity.id 
_entity.type 
_entity.src_method 
_entity.pdbx_description 
_entity.formula_weight 
_entity.pdbx_number_of_molecules 
_entity.pdbx_ec 
_entity.pdbx_mutation 
_entity.pdbx_fragment 
_entity.details 
1 polymer     syn 'RNA oligonucleotide containing dT' 2524.588 4  ? ? ? ? 
2 non-polymer syn 'COBALT HEXAMMINE(III)'             161.116  2  ? ? ? ? 
3 water       nat water                               18.015   66 ? ? ? ? 
# 
_entity_poly.entity_id                      1 
_entity_poly.type                           'polydeoxyribonucleotide/polyribonucleotide hybrid' 
_entity_poly.nstd_linkage                   no 
_entity_poly.nstd_monomer                   no 
_entity_poly.pdbx_seq_one_letter_code       'CGAA(DT)UCG' 
_entity_poly.pdbx_seq_one_letter_code_can   CGAATUCG 
_entity_poly.pdbx_strand_id                 A,B,C,D 
_entity_poly.pdbx_target_identifier         ? 
# 
loop_
_pdbx_entity_nonpoly.entity_id 
_pdbx_entity_nonpoly.name 
_pdbx_entity_nonpoly.comp_id 
2 'COBALT HEXAMMINE(III)' NCO 
3 water                   HOH 
# 
loop_
_entity_poly_seq.entity_id 
_entity_poly_seq.num 
_entity_poly_seq.mon_id 
_entity_poly_seq.hetero 
1 1 C  n 
1 2 G  n 
1 3 A  n 
1 4 A  n 
1 5 DT n 
1 6 U  n 
1 7 C  n 
1 8 G  n 
# 
_pdbx_entity_src_syn.entity_id              1 
_pdbx_entity_src_syn.pdbx_src_id            1 
_pdbx_entity_src_syn.pdbx_alt_source_flag   sample 
_pdbx_entity_src_syn.pdbx_beg_seq_num       1 
_pdbx_entity_src_syn.pdbx_end_seq_num       8 
_pdbx_entity_src_syn.organism_scientific    'synthetic construct' 
_pdbx_entity_src_syn.organism_common_name   ? 
_pdbx_entity_src_syn.ncbi_taxonomy_id       32630 
_pdbx_entity_src_syn.details                ? 
# 
loop_
_chem_comp.id 
_chem_comp.type 
_chem_comp.mon_nstd_flag 
_chem_comp.name 
_chem_comp.pdbx_synonyms 
_chem_comp.formula 
_chem_comp.formula_weight 
A   'RNA linking' y "ADENOSINE-5'-MONOPHOSPHATE" ? 'C10 H14 N5 O7 P' 347.221 
C   'RNA linking' y "CYTIDINE-5'-MONOPHOSPHATE"  ? 'C9 H14 N3 O8 P'  323.197 
DT  'DNA linking' y "THYMIDINE-5'-MONOPHOSPHATE" ? 'C10 H15 N2 O8 P' 322.208 
G   'RNA linking' y "GUANOSINE-5'-MONOPHOSPHATE" ? 'C10 H14 N5 O8 P' 363.221 
HOH non-polymer   . WATER                        ? 'H2 O'            18.015  
NCO non-polymer   . 'COBALT HEXAMMINE(III)'      ? 'Co H18 N6 3'     161.116 
U   'RNA linking' y "URIDINE-5'-MONOPHOSPHATE"   ? 'C9 H13 N2 O9 P'  324.181 
# 
loop_
_pdbx_poly_seq_scheme.asym_id 
_pdbx_poly_seq_scheme.entity_id 
_pdbx_poly_seq_scheme.seq_id 
_pdbx_poly_seq_scheme.mon_id 
_pdbx_poly_seq_scheme.ndb_seq_num 
_pdbx_poly_seq_scheme.pdb_seq_num 
_pdbx_poly_seq_scheme.auth_seq_num 
_pdbx_poly_seq_scheme.pdb_mon_id 
_pdbx_poly_seq_scheme.auth_mon_id 
_pdbx_poly_seq_scheme.pdb_strand_id 
_pdbx_poly_seq_scheme.pdb_ins_code 
_pdbx_poly_seq_scheme.hetero 
A 1 1 C  1 101 101 C  C  A . n 
A 1 2 G  2 102 102 G  G  A . n 
A 1 3 A  3 103 103 A  A  A . n 
A 1 4 A  4 104 104 A  A  A . n 
A 1 5 DT 5 105 105 DT DT A . n 
A 1 6 U  6 106 106 U  U  A . n 
A 1 7 C  7 107 107 C  C  A . n 
A 1 8 G  8 108 108 G  G  A . n 
B 1 1 C  1 209 209 C  C  B . n 
B 1 2 G  2 210 210 G  G  B . n 
B 1 3 A  3 211 211 A  A  B . n 
B 1 4 A  4 212 212 A  A  B . n 
B 1 5 DT 5 213 213 DT DT B . n 
B 1 6 U  6 214 214 U  U  B . n 
B 1 7 C  7 215 215 C  C  B . n 
B 1 8 G  8 216 216 G  G  B . n 
C 1 1 C  1 101 101 C  C  C . n 
C 1 2 G  2 102 102 G  G  C . n 
C 1 3 A  3 103 103 A  A  C . n 
C 1 4 A  4 104 104 A  A  C . n 
C 1 5 DT 5 105 105 DT DT C . n 
C 1 6 U  6 106 106 U  U  C . n 
C 1 7 C  7 107 107 C  C  C . n 
C 1 8 G  8 108 108 G  G  C . n 
D 1 1 C  1 209 209 C  C  D . n 
D 1 2 G  2 210 210 G  G  D . n 
D 1 3 A  3 211 211 A  A  D . n 
D 1 4 A  4 212 212 A  A  D . n 
D 1 5 DT 5 213 213 DT DT D . n 
D 1 6 U  6 214 214 U  U  D . n 
D 1 7 C  7 215 215 C  C  D . n 
D 1 8 G  8 216 216 G  G  D . n 
# 
loop_
_pdbx_nonpoly_scheme.asym_id 
_pdbx_nonpoly_scheme.entity_id 
_pdbx_nonpoly_scheme.mon_id 
_pdbx_nonpoly_scheme.ndb_seq_num 
_pdbx_nonpoly_scheme.pdb_seq_num 
_pdbx_nonpoly_scheme.auth_seq_num 
_pdbx_nonpoly_scheme.pdb_mon_id 
_pdbx_nonpoly_scheme.auth_mon_id 
_pdbx_nonpoly_scheme.pdb_strand_id 
_pdbx_nonpoly_scheme.pdb_ins_code 
E 2 NCO 1  301 2  NCO NCO B . 
F 2 NCO 1  201 1  NCO NCO C . 
G 3 HOH 1  201 12 HOH HOH A . 
G 3 HOH 2  202 3  HOH HOH A . 
G 3 HOH 3  203 9  HOH HOH A . 
G 3 HOH 4  204 44 HOH HOH A . 
G 3 HOH 5  205 58 HOH HOH A . 
G 3 HOH 6  206 31 HOH HOH A . 
G 3 HOH 7  207 23 HOH HOH A . 
G 3 HOH 8  208 36 HOH HOH A . 
G 3 HOH 9  209 54 HOH HOH A . 
G 3 HOH 10 210 11 HOH HOH A . 
G 3 HOH 11 211 51 HOH HOH A . 
G 3 HOH 12 212 46 HOH HOH A . 
G 3 HOH 13 213 30 HOH HOH A . 
G 3 HOH 14 214 39 HOH HOH A . 
H 3 HOH 1  401 8  HOH HOH B . 
H 3 HOH 2  402 4  HOH HOH B . 
H 3 HOH 3  403 19 HOH HOH B . 
H 3 HOH 4  404 48 HOH HOH B . 
H 3 HOH 5  405 2  HOH HOH B . 
H 3 HOH 6  406 13 HOH HOH B . 
H 3 HOH 7  407 47 HOH HOH B . 
H 3 HOH 8  408 21 HOH HOH B . 
H 3 HOH 9  409 45 HOH HOH B . 
H 3 HOH 10 410 53 HOH HOH B . 
H 3 HOH 11 411 6  HOH HOH B . 
H 3 HOH 12 412 29 HOH HOH B . 
H 3 HOH 13 413 35 HOH HOH B . 
H 3 HOH 14 414 14 HOH HOH B . 
H 3 HOH 15 415 32 HOH HOH B . 
H 3 HOH 16 416 42 HOH HOH B . 
H 3 HOH 17 417 37 HOH HOH B . 
H 3 HOH 18 418 61 HOH HOH B . 
I 3 HOH 1  301 40 HOH HOH C . 
I 3 HOH 2  302 26 HOH HOH C . 
I 3 HOH 3  303 22 HOH HOH C . 
I 3 HOH 4  304 5  HOH HOH C . 
I 3 HOH 5  305 28 HOH HOH C . 
I 3 HOH 6  306 15 HOH HOH C . 
I 3 HOH 7  307 25 HOH HOH C . 
I 3 HOH 8  308 27 HOH HOH C . 
I 3 HOH 9  309 33 HOH HOH C . 
I 3 HOH 10 310 20 HOH HOH C . 
I 3 HOH 11 311 38 HOH HOH C . 
I 3 HOH 12 312 24 HOH HOH C . 
I 3 HOH 13 313 59 HOH HOH C . 
I 3 HOH 14 314 66 HOH HOH C . 
I 3 HOH 15 315 63 HOH HOH C . 
J 3 HOH 1  301 49 HOH HOH D . 
J 3 HOH 2  302 34 HOH HOH D . 
J 3 HOH 3  303 55 HOH HOH D . 
J 3 HOH 4  304 60 HOH HOH D . 
J 3 HOH 5  305 56 HOH HOH D . 
J 3 HOH 6  306 1  HOH HOH D . 
J 3 HOH 7  307 17 HOH HOH D . 
J 3 HOH 8  308 18 HOH HOH D . 
J 3 HOH 9  309 16 HOH HOH D . 
J 3 HOH 10 310 7  HOH HOH D . 
J 3 HOH 11 311 10 HOH HOH D . 
J 3 HOH 12 312 52 HOH HOH D . 
J 3 HOH 13 313 62 HOH HOH D . 
J 3 HOH 14 314 64 HOH HOH D . 
J 3 HOH 15 315 65 HOH HOH D . 
J 3 HOH 16 316 41 HOH HOH D . 
J 3 HOH 17 317 50 HOH HOH D . 
J 3 HOH 18 318 43 HOH HOH D . 
J 3 HOH 19 319 57 HOH HOH D . 
# 
loop_
_software.citation_id 
_software.classification 
_software.compiler_name 
_software.compiler_version 
_software.contact_author 
_software.contact_author_email 
_software.date 
_software.description 
_software.dependencies 
_software.hardware 
_software.language 
_software.location 
_software.mods 
_software.name 
_software.os 
_software.os_version 
_software.type 
_software.version 
_software.pdbx_ordinal 
? refinement        ? ? ? ? ? ? ? ? ? ? ? PHENIX      ? ? ? 1.9_1692 1 
? 'data collection' ? ? ? ? ? ? ? ? ? ? ? HKL-2000    ? ? ? v706e    2 
? 'data scaling'    ? ? ? ? ? ? ? ? ? ? ? HKL-2000    ? ? ? v706e    3 
? phasing           ? ? ? ? ? ? ? ? ? ? ? PHASER      ? ? ? .        4 
? 'data extraction' ? ? ? ? ? ? ? ? ? ? ? PDB_EXTRACT ? ? ? 3.15     5 
? 'data reduction'  ? ? ? ? ? ? ? ? ? ? ? HKL-2000    ? ? ? v706e    6 
? phasing           ? ? ? ? ? ? ? ? ? ? ? PHENIX      ? ? ? 1.9_1692 7 
# 
_cell.length_a           44.059 
_cell.length_b           44.059 
_cell.length_c           85.398 
_cell.angle_alpha        90.000 
_cell.angle_beta         90.000 
_cell.angle_gamma        90.000 
_cell.entry_id           5DEK 
_cell.Z_PDB              32 
_cell.pdbx_unique_axis   ? 
# 
_symmetry.space_group_name_H-M             'P 43 21 2' 
_symmetry.entry_id                         5DEK 
_symmetry.pdbx_full_space_group_name_H-M   ? 
_symmetry.cell_setting                     ? 
_symmetry.Int_Tables_number                96 
# 
_exptl.absorpt_coefficient_mu     ? 
_exptl.absorpt_correction_T_max   ? 
_exptl.absorpt_correction_T_min   ? 
_exptl.absorpt_correction_type    ? 
_exptl.absorpt_process_details    ? 
_exptl.entry_id                   5DEK 
_exptl.crystals_number            1 
_exptl.details                    ? 
_exptl.method                     'X-RAY DIFFRACTION' 
_exptl.method_details             ? 
# 
_exptl_crystal.colour                      ? 
_exptl_crystal.density_diffrn              ? 
_exptl_crystal.density_Matthews            2.08 
_exptl_crystal.density_method              ? 
_exptl_crystal.density_percent_sol         40.84 
_exptl_crystal.description                 ? 
_exptl_crystal.F_000                       ? 
_exptl_crystal.id                          1 
_exptl_crystal.preparation                 ? 
_exptl_crystal.size_max                    ? 
_exptl_crystal.size_mid                    ? 
_exptl_crystal.size_min                    ? 
_exptl_crystal.size_rad                    ? 
_exptl_crystal.colour_lustre               ? 
_exptl_crystal.colour_modifier             ? 
_exptl_crystal.colour_primary              ? 
_exptl_crystal.density_meas                ? 
_exptl_crystal.density_meas_esd            ? 
_exptl_crystal.density_meas_gt             ? 
_exptl_crystal.density_meas_lt             ? 
_exptl_crystal.density_meas_temp           ? 
_exptl_crystal.density_meas_temp_esd       ? 
_exptl_crystal.density_meas_temp_gt        ? 
_exptl_crystal.density_meas_temp_lt        ? 
_exptl_crystal.pdbx_crystal_image_url      ? 
_exptl_crystal.pdbx_crystal_image_format   ? 
_exptl_crystal.pdbx_mosaicity              ? 
_exptl_crystal.pdbx_mosaicity_esd          ? 
# 
_exptl_crystal_grow.apparatus       ? 
_exptl_crystal_grow.atmosphere      ? 
_exptl_crystal_grow.crystal_id      1 
_exptl_crystal_grow.details         ? 
_exptl_crystal_grow.method          'VAPOR DIFFUSION, SITTING DROP' 
_exptl_crystal_grow.method_ref      ? 
_exptl_crystal_grow.pH              5.5 
_exptl_crystal_grow.pressure        ? 
_exptl_crystal_grow.pressure_esd    ? 
_exptl_crystal_grow.seeding         ? 
_exptl_crystal_grow.seeding_ref     ? 
_exptl_crystal_grow.temp            293 
_exptl_crystal_grow.temp_details    ? 
_exptl_crystal_grow.temp_esd        ? 
_exptl_crystal_grow.time            ? 
_exptl_crystal_grow.pdbx_details    '40 mM sodium cacodylate, 20 mM hexamine Co(III) chloride, 20 mM MgCl2, 80 mM NaCl' 
_exptl_crystal_grow.pdbx_pH_range   ? 
# 
_diffrn.ambient_environment    ? 
_diffrn.ambient_temp           100 
_diffrn.ambient_temp_details   ? 
_diffrn.ambient_temp_esd       ? 
_diffrn.crystal_id             1 
_diffrn.crystal_support        ? 
_diffrn.crystal_treatment      ? 
_diffrn.details                ? 
_diffrn.id                     1 
_diffrn.ambient_pressure       ? 
_diffrn.ambient_pressure_esd   ? 
_diffrn.ambient_pressure_gt    ? 
_diffrn.ambient_pressure_lt    ? 
_diffrn.ambient_temp_gt        ? 
_diffrn.ambient_temp_lt        ? 
# 
_diffrn_detector.details                      ? 
_diffrn_detector.detector                     CCD 
_diffrn_detector.diffrn_id                    1 
_diffrn_detector.type                         'MARMOSAIC 300 mm CCD' 
_diffrn_detector.area_resol_mean              ? 
_diffrn_detector.dtime                        ? 
_diffrn_detector.pdbx_frames_total            ? 
_diffrn_detector.pdbx_collection_time_total   ? 
_diffrn_detector.pdbx_collection_date         2014-11-02 
# 
_diffrn_radiation.collimation                      ? 
_diffrn_radiation.diffrn_id                        1 
_diffrn_radiation.filter_edge                      ? 
_diffrn_radiation.inhomogeneity                    ? 
_diffrn_radiation.monochromator                    'Si(111)' 
_diffrn_radiation.polarisn_norm                    ? 
_diffrn_radiation.polarisn_ratio                   ? 
_diffrn_radiation.probe                            ? 
_diffrn_radiation.type                             ? 
_diffrn_radiation.xray_symbol                      ? 
_diffrn_radiation.wavelength_id                    1 
_diffrn_radiation.pdbx_monochromatic_or_laue_m_l   M 
_diffrn_radiation.pdbx_wavelength_list             ? 
_diffrn_radiation.pdbx_wavelength                  ? 
_diffrn_radiation.pdbx_diffrn_protocol             'SINGLE WAVELENGTH' 
_diffrn_radiation.pdbx_analyzer                    ? 
_diffrn_radiation.pdbx_scattering_type             x-ray 
# 
_diffrn_radiation_wavelength.id           1 
_diffrn_radiation_wavelength.wavelength   0.97856 
_diffrn_radiation_wavelength.wt           1.0 
# 
_diffrn_source.current                     ? 
_diffrn_source.details                     ? 
_diffrn_source.diffrn_id                   1 
_diffrn_source.power                       ? 
_diffrn_source.size                        ? 
_diffrn_source.source                      SYNCHROTRON 
_diffrn_source.target                      ? 
_diffrn_source.type                        'APS BEAMLINE 21-ID-G' 
_diffrn_source.voltage                     ? 
_diffrn_source.take-off_angle              ? 
_diffrn_source.pdbx_wavelength_list        0.97856 
_diffrn_source.pdbx_wavelength             ? 
_diffrn_source.pdbx_synchrotron_beamline   21-ID-G 
_diffrn_source.pdbx_synchrotron_site       APS 
# 
_reflns.B_iso_Wilson_estimate            40.4550168222 
_reflns.entry_id                         5DEK 
_reflns.data_reduction_details           ? 
_reflns.data_reduction_method            ? 
_reflns.d_resolution_high                2.000 
_reflns.d_resolution_low                 39.15 
_reflns.details                          ? 
_reflns.limit_h_max                      ? 
_reflns.limit_h_min                      ? 
_reflns.limit_k_max                      ? 
_reflns.limit_k_min                      ? 
_reflns.limit_l_max                      ? 
_reflns.limit_l_min                      ? 
_reflns.number_all                       ? 
_reflns.number_obs                       10680 
_reflns.observed_criterion               ? 
_reflns.observed_criterion_F_max         ? 
_reflns.observed_criterion_F_min         ? 
_reflns.observed_criterion_I_max         ? 
_reflns.observed_criterion_I_min         ? 
_reflns.observed_criterion_sigma_F       ? 
_reflns.observed_criterion_sigma_I       ? 
_reflns.percent_possible_obs             97.600 
_reflns.R_free_details                   ? 
_reflns.Rmerge_F_all                     ? 
_reflns.Rmerge_F_obs                     ? 
_reflns.Friedel_coverage                 ? 
_reflns.number_gt                        ? 
_reflns.threshold_expression             ? 
_reflns.pdbx_redundancy                  12.800 
_reflns.pdbx_Rmerge_I_obs                0.126 
_reflns.pdbx_Rmerge_I_all                ? 
_reflns.pdbx_Rsym_value                  ? 
_reflns.pdbx_netI_over_av_sigmaI         15.113 
_reflns.pdbx_netI_over_sigmaI            7.500 
_reflns.pdbx_res_netI_over_av_sigmaI_2   ? 
_reflns.pdbx_res_netI_over_sigmaI_2      ? 
_reflns.pdbx_chi_squared                 1.059 
_reflns.pdbx_scaling_rejects             ? 
_reflns.pdbx_d_res_high_opt              ? 
_reflns.pdbx_d_res_low_opt               ? 
_reflns.pdbx_d_res_opt_method            ? 
_reflns.phase_calculation_details        ? 
_reflns.pdbx_Rrim_I_all                  0.128 
_reflns.pdbx_Rpim_I_all                  0.038 
_reflns.pdbx_d_opt                       ? 
_reflns.pdbx_number_measured_all         77578 
_reflns.pdbx_diffrn_id                   1 
_reflns.pdbx_ordinal                     1 
_reflns.pdbx_CC_half                     ? 
_reflns.pdbx_R_split                     ? 
# 
loop_
_reflns_shell.d_res_high 
_reflns_shell.d_res_low 
_reflns_shell.meanI_over_sigI_all 
_reflns_shell.meanI_over_sigI_obs 
_reflns_shell.number_measured_all 
_reflns_shell.number_measured_obs 
_reflns_shell.number_possible 
_reflns_shell.number_unique_all 
_reflns_shell.number_unique_obs 
_reflns_shell.percent_possible_all 
_reflns_shell.percent_possible_obs 
_reflns_shell.Rmerge_F_all 
_reflns_shell.Rmerge_F_obs 
_reflns_shell.Rmerge_I_all 
_reflns_shell.Rmerge_I_obs 
_reflns_shell.meanI_over_sigI_gt 
_reflns_shell.meanI_over_uI_all 
_reflns_shell.meanI_over_uI_gt 
_reflns_shell.number_measured_gt 
_reflns_shell.number_unique_gt 
_reflns_shell.percent_possible_gt 
_reflns_shell.Rmerge_F_gt 
_reflns_shell.Rmerge_I_gt 
_reflns_shell.pdbx_redundancy 
_reflns_shell.pdbx_Rsym_value 
_reflns_shell.pdbx_chi_squared 
_reflns_shell.pdbx_netI_over_sigmaI_all 
_reflns_shell.pdbx_netI_over_sigmaI_obs 
_reflns_shell.pdbx_Rrim_I_all 
_reflns_shell.pdbx_Rpim_I_all 
_reflns_shell.pdbx_rejects 
_reflns_shell.pdbx_ordinal 
_reflns_shell.pdbx_diffrn_id 
_reflns_shell.pdbx_CC_half 
_reflns_shell.pdbx_R_split 
2.000 2.030  ? 1.8 ? ? ? ? ? 96.600 ? ? ? ? 0.682 ? ? ? ? ? ? ? ? 7.500  ? ? ? ? ? ? ? 1  1 ? ? 
2.030 2.070  ? ?   ? ? ? ? ? 97.300 ? ? ? ? 0.940 ? ? ? ? ? ? ? ? 8.700  ? ? ? ? ? ? ? 2  1 ? ? 
2.070 2.110  ? ?   ? ? ? ? ? 97.000 ? ? ? ? ?     ? ? ? ? ? ? ? ? 9.700  ? ? ? ? ? ? ? 3  1 ? ? 
2.110 2.150  ? ?   ? ? ? ? ? 97.000 ? ? ? ? ?     ? ? ? ? ? ? ? ? 11.600 ? ? ? ? ? ? ? 4  1 ? ? 
2.150 2.200  ? ?   ? ? ? ? ? 97.000 ? ? ? ? 0.997 ? ? ? ? ? ? ? ? 12.700 ? ? ? ? ? ? ? 5  1 ? ? 
2.200 2.250  ? ?   ? ? ? ? ? 97.100 ? ? ? ? 0.912 ? ? ? ? ? ? ? ? 13.700 ? ? ? ? ? ? ? 6  1 ? ? 
2.250 2.310  ? ?   ? ? ? ? ? 97.300 ? ? ? ? 0.745 ? ? ? ? ? ? ? ? 14.200 ? ? ? ? ? ? ? 7  1 ? ? 
2.310 2.370  ? ?   ? ? ? ? ? 97.300 ? ? ? ? 0.630 ? ? ? ? ? ? ? ? 14.200 ? ? ? ? ? ? ? 8  1 ? ? 
2.370 2.440  ? ?   ? ? ? ? ? 97.700 ? ? ? ? 0.572 ? ? ? ? ? ? ? ? 14.200 ? ? ? ? ? ? ? 9  1 ? ? 
2.440 2.520  ? ?   ? ? ? ? ? 98.000 ? ? ? ? 0.460 ? ? ? ? ? ? ? ? 14.100 ? ? ? ? ? ? ? 10 1 ? ? 
2.520 2.610  ? ?   ? ? ? ? ? 98.100 ? ? ? ? 0.356 ? ? ? ? ? ? ? ? 14.000 ? ? ? ? ? ? ? 11 1 ? ? 
2.610 2.710  ? ?   ? ? ? ? ? 98.300 ? ? ? ? 0.254 ? ? ? ? ? ? ? ? 14.300 ? ? ? ? ? ? ? 12 1 ? ? 
2.710 2.840  ? ?   ? ? ? ? ? 97.700 ? ? ? ? 0.254 ? ? ? ? ? ? ? ? 13.900 ? ? ? ? ? ? ? 13 1 ? ? 
2.840 2.990  ? ?   ? ? ? ? ? 97.800 ? ? ? ? 0.189 ? ? ? ? ? ? ? ? 14.100 ? ? ? ? ? ? ? 14 1 ? ? 
2.990 3.170  ? ?   ? ? ? ? ? 97.200 ? ? ? ? 0.164 ? ? ? ? ? ? ? ? 13.600 ? ? ? ? ? ? ? 15 1 ? ? 
3.170 3.420  ? ?   ? ? ? ? ? 97.100 ? ? ? ? 0.132 ? ? ? ? ? ? ? ? 13.700 ? ? ? ? ? ? ? 16 1 ? ? 
3.420 3.760  ? ?   ? ? ? ? ? 97.800 ? ? ? ? 0.117 ? ? ? ? ? ? ? ? 13.700 ? ? ? ? ? ? ? 17 1 ? ? 
3.760 4.310  ? ?   ? ? ? ? ? 98.400 ? ? ? ? 0.095 ? ? ? ? ? ? ? ? 13.300 ? ? ? ? ? ? ? 18 1 ? ? 
4.310 5.430  ? ?   ? ? ? ? ? 98.800 ? ? ? ? 0.081 ? ? ? ? ? ? ? ? 12.900 ? ? ? ? ? ? ? 19 1 ? ? 
5.430 50.000 ? ?   ? ? ? ? ? 97.400 ? ? ? ? 0.081 ? ? ? ? ? ? ? ? 11.300 ? ? ? ? ? ? ? 20 1 ? ? 
# 
_refine.entry_id                                 5DEK 
_refine.pdbx_refine_id                           'X-RAY DIFFRACTION' 
_refine.ls_d_res_high                            1.9930 
_refine.ls_d_res_low                             39.1550 
_refine.pdbx_ls_sigma_F                          0.410 
_refine.pdbx_data_cutoff_high_absF               ? 
_refine.pdbx_data_cutoff_low_absF                ? 
_refine.ls_percent_reflns_obs                    97.4500 
_refine.ls_number_reflns_obs                     10680 
_refine.ls_number_reflns_all                     ? 
_refine.pdbx_ls_cross_valid_method               'FREE R-VALUE' 
_refine.ls_matrix_type                           ? 
_refine.pdbx_R_Free_selection_details            ? 
_refine.details                                  ? 
_refine.ls_R_factor_all                          ? 
_refine.ls_R_factor_obs                          0.2411 
_refine.ls_R_factor_R_work                       0.2400 
_refine.ls_wR_factor_R_work                      ? 
_refine.ls_R_factor_R_free                       0.2621 
_refine.ls_wR_factor_R_free                      ? 
_refine.ls_percent_reflns_R_free                 5.2300 
_refine.ls_number_reflns_R_free                  559 
_refine.ls_number_reflns_R_work                  10121 
_refine.ls_R_factor_R_free_error                 ? 
_refine.B_iso_mean                               41.8983 
_refine.solvent_model_param_bsol                 ? 
_refine.solvent_model_param_ksol                 ? 
_refine.pdbx_isotropic_thermal_model             ? 
_refine.aniso_B[1][1]                            ? 
_refine.aniso_B[2][2]                            ? 
_refine.aniso_B[3][3]                            ? 
_refine.aniso_B[1][2]                            ? 
_refine.aniso_B[1][3]                            ? 
_refine.aniso_B[2][3]                            ? 
_refine.correlation_coeff_Fo_to_Fc               ? 
_refine.correlation_coeff_Fo_to_Fc_free          ? 
_refine.overall_SU_R_Cruickshank_DPI             ? 
_refine.pdbx_overall_SU_R_free_Cruickshank_DPI   ? 
_refine.pdbx_overall_SU_R_Blow_DPI               ? 
_refine.pdbx_overall_SU_R_free_Blow_DPI          ? 
_refine.overall_SU_R_free                        ? 
_refine.pdbx_overall_ESU_R                       ? 
_refine.pdbx_overall_ESU_R_Free                  ? 
_refine.overall_SU_ML                            0.3500 
_refine.overall_SU_B                             ? 
_refine.solvent_model_details                    'FLAT BULK SOLVENT MODEL' 
_refine.pdbx_solvent_vdw_probe_radii             1.1100 
_refine.pdbx_solvent_ion_probe_radii             ? 
_refine.pdbx_solvent_shrinkage_radii             0.9000 
_refine.ls_number_parameters                     ? 
_refine.ls_number_restraints                     ? 
_refine.pdbx_starting_model                      ? 
_refine.pdbx_method_to_determine_struct          'MOLECULAR REPLACEMENT' 
_refine.pdbx_stereochemistry_target_values       ML 
_refine.pdbx_stereochem_target_val_spec_case     ? 
_refine.overall_FOM_work_R_set                   ? 
_refine.B_iso_max                                100.870 
_refine.B_iso_min                                30.290 
_refine.pdbx_overall_phase_error                 34.9500 
_refine.occupancy_max                            ? 
_refine.occupancy_min                            ? 
_refine.pdbx_diffrn_id                           1 
_refine.pdbx_TLS_residual_ADP_flag               ? 
_refine.pdbx_ls_sigma_I                          ? 
_refine.pdbx_data_cutoff_high_rms_absF           ? 
_refine.ls_R_factor_R_free_error_details         ? 
# 
_refine_hist.cycle_id                         final 
_refine_hist.pdbx_refine_id                   'X-RAY DIFFRACTION' 
_refine_hist.d_res_high                       1.9930 
_refine_hist.d_res_low                        39.1550 
_refine_hist.pdbx_number_atoms_ligand         14 
_refine_hist.number_atoms_solvent             66 
_refine_hist.number_atoms_total               748 
_refine_hist.pdbx_number_residues_total       32 
_refine_hist.pdbx_B_iso_mean_ligand           66.91 
_refine_hist.pdbx_B_iso_mean_solvent          49.56 
_refine_hist.pdbx_number_atoms_protein        0 
_refine_hist.pdbx_number_atoms_nucleic_acid   668 
# 
loop_
_refine_ls_restr.pdbx_refine_id 
_refine_ls_restr.type 
_refine_ls_restr.number 
_refine_ls_restr.dev_ideal 
_refine_ls_restr.dev_ideal_target 
_refine_ls_restr.weight 
_refine_ls_restr.pdbx_restraint_function 
'X-RAY DIFFRACTION' f_bond_d           756  0.001 ? ? ? 
'X-RAY DIFFRACTION' f_angle_d          1182 0.303 ? ? ? 
'X-RAY DIFFRACTION' f_chiral_restr     152  0.010 ? ? ? 
'X-RAY DIFFRACTION' f_plane_restr      32   0.001 ? ? ? 
'X-RAY DIFFRACTION' f_dihedral_angle_d 360  4.952 ? ? ? 
# 
loop_
_refine_ls_shell.d_res_high 
_refine_ls_shell.d_res_low 
_refine_ls_shell.pdbx_total_number_of_bins_used 
_refine_ls_shell.percent_reflns_obs 
_refine_ls_shell.number_reflns_R_work 
_refine_ls_shell.R_factor_all 
_refine_ls_shell.R_factor_R_work 
_refine_ls_shell.R_factor_R_free 
_refine_ls_shell.percent_reflns_R_free 
_refine_ls_shell.number_reflns_R_free 
_refine_ls_shell.R_factor_R_free_error 
_refine_ls_shell.number_reflns_all 
_refine_ls_shell.number_reflns_obs 
_refine_ls_shell.pdbx_refine_id 
_refine_ls_shell.R_factor_obs 
1.9931 2.1937  4 97.0000 2500 . 0.3242 0.3980 . 145 . 2645 . 'X-RAY DIFFRACTION' . 
2.1937 2.5111  4 98.0000 2546 . 0.3038 0.3437 . 142 . 2688 . 'X-RAY DIFFRACTION' . 
2.5111 3.1635  4 98.0000 2557 . 0.2924 0.2562 . 134 . 2691 . 'X-RAY DIFFRACTION' . 
3.1635 39.1625 4 97.0000 2518 . 0.1894 0.2275 . 138 . 2656 . 'X-RAY DIFFRACTION' . 
# 
_struct.entry_id                     5DEK 
_struct.title                        'RNA octamer containing dT' 
_struct.pdbx_model_details           ? 
_struct.pdbx_formula_weight          ? 
_struct.pdbx_formula_weight_method   ? 
_struct.pdbx_model_type_details      ? 
_struct.pdbx_CASP_flag               ? 
# 
_struct_keywords.entry_id        5DEK 
_struct_keywords.text            'RNA, oligonucleotide' 
_struct_keywords.pdbx_keywords   RNA 
# 
loop_
_struct_asym.id 
_struct_asym.pdbx_blank_PDB_chainid_flag 
_struct_asym.pdbx_modified 
_struct_asym.entity_id 
_struct_asym.details 
A N N 1 ? 
B N N 1 ? 
C N N 1 ? 
D N N 1 ? 
E N N 2 ? 
F N N 2 ? 
G N N 3 ? 
H N N 3 ? 
I N N 3 ? 
J N N 3 ? 
# 
_struct_ref.id                         1 
_struct_ref.db_name                    PDB 
_struct_ref.db_code                    5DEK 
_struct_ref.pdbx_db_accession          5DEK 
_struct_ref.pdbx_db_isoform            ? 
_struct_ref.entity_id                  1 
_struct_ref.pdbx_seq_one_letter_code   ? 
_struct_ref.pdbx_align_begin           1 
# 
loop_
_struct_ref_seq.align_id 
_struct_ref_seq.ref_id 
_struct_ref_seq.pdbx_PDB_id_code 
_struct_ref_seq.pdbx_strand_id 
_struct_ref_seq.seq_align_beg 
_struct_ref_seq.pdbx_seq_align_beg_ins_code 
_struct_ref_seq.seq_align_end 
_struct_ref_seq.pdbx_seq_align_end_ins_code 
_struct_ref_seq.pdbx_db_accession 
_struct_ref_seq.db_align_beg 
_struct_ref_seq.pdbx_db_align_beg_ins_code 
_struct_ref_seq.db_align_end 
_struct_ref_seq.pdbx_db_align_end_ins_code 
_struct_ref_seq.pdbx_auth_seq_align_beg 
_struct_ref_seq.pdbx_auth_seq_align_end 
1 1 5DEK A 1 ? 8 ? 5DEK 101 ? 108 ? 101 108 
2 1 5DEK B 1 ? 8 ? 5DEK 209 ? 216 ? 209 216 
3 1 5DEK C 1 ? 8 ? 5DEK 101 ? 108 ? 101 108 
4 1 5DEK D 1 ? 8 ? 5DEK 209 ? 216 ? 209 216 
# 
loop_
_pdbx_struct_assembly.id 
_pdbx_struct_assembly.details 
_pdbx_struct_assembly.method_details 
_pdbx_struct_assembly.oligomeric_details 
_pdbx_struct_assembly.oligomeric_count 
1 author_and_software_defined_assembly PISA dimeric 2 
2 author_and_software_defined_assembly PISA dimeric 2 
# 
loop_
_pdbx_struct_assembly_prop.biol_id 
_pdbx_struct_assembly_prop.type 
_pdbx_struct_assembly_prop.value 
_pdbx_struct_assembly_prop.details 
1 'ABSA (A^2)' 930  ? 
1 MORE         -5   ? 
1 'SSA (A^2)'  3210 ? 
2 'ABSA (A^2)' 940  ? 
2 MORE         -4   ? 
2 'SSA (A^2)'  3210 ? 
# 
loop_
_pdbx_struct_assembly_gen.assembly_id 
_pdbx_struct_assembly_gen.oper_expression 
_pdbx_struct_assembly_gen.asym_id_list 
1 1 A,B,E,G,H 
2 1 C,D,F,I,J 
# 
_pdbx_struct_oper_list.id                   1 
_pdbx_struct_oper_list.type                 'identity operation' 
_pdbx_struct_oper_list.name                 1_555 
_pdbx_struct_oper_list.symmetry_operation   x,y,z 
_pdbx_struct_oper_list.matrix[1][1]         1.0000000000 
_pdbx_struct_oper_list.matrix[1][2]         0.0000000000 
_pdbx_struct_oper_list.matrix[1][3]         0.0000000000 
_pdbx_struct_oper_list.vector[1]            0.0000000000 
_pdbx_struct_oper_list.matrix[2][1]         0.0000000000 
_pdbx_struct_oper_list.matrix[2][2]         1.0000000000 
_pdbx_struct_oper_list.matrix[2][3]         0.0000000000 
_pdbx_struct_oper_list.vector[2]            0.0000000000 
_pdbx_struct_oper_list.matrix[3][1]         0.0000000000 
_pdbx_struct_oper_list.matrix[3][2]         0.0000000000 
_pdbx_struct_oper_list.matrix[3][3]         1.0000000000 
_pdbx_struct_oper_list.vector[3]            0.0000000000 
# 
loop_
_struct_conn.id 
_struct_conn.conn_type_id 
_struct_conn.pdbx_leaving_atom_flag 
_struct_conn.pdbx_PDB_id 
_struct_conn.ptnr1_label_asym_id 
_struct_conn.ptnr1_label_comp_id 
_struct_conn.ptnr1_label_seq_id 
_struct_conn.ptnr1_label_atom_id 
_struct_conn.pdbx_ptnr1_label_alt_id 
_struct_conn.pdbx_ptnr1_PDB_ins_code 
_struct_conn.pdbx_ptnr1_standard_comp_id 
_struct_conn.ptnr1_symmetry 
_struct_conn.ptnr2_label_asym_id 
_struct_conn.ptnr2_label_comp_id 
_struct_conn.ptnr2_label_seq_id 
_struct_conn.ptnr2_label_atom_id 
_struct_conn.pdbx_ptnr2_label_alt_id 
_struct_conn.pdbx_ptnr2_PDB_ins_code 
_struct_conn.ptnr1_auth_asym_id 
_struct_conn.ptnr1_auth_comp_id 
_struct_conn.ptnr1_auth_seq_id 
_struct_conn.ptnr2_auth_asym_id 
_struct_conn.ptnr2_auth_comp_id 
_struct_conn.ptnr2_auth_seq_id 
_struct_conn.ptnr2_symmetry 
_struct_conn.pdbx_ptnr3_label_atom_id 
_struct_conn.pdbx_ptnr3_label_seq_id 
_struct_conn.pdbx_ptnr3_label_comp_id 
_struct_conn.pdbx_ptnr3_label_asym_id 
_struct_conn.pdbx_ptnr3_label_alt_id 
_struct_conn.pdbx_ptnr3_PDB_ins_code 
_struct_conn.details 
_struct_conn.pdbx_dist_value 
_struct_conn.pdbx_value_order 
_struct_conn.pdbx_role 
hydrog1  hydrog ? ? A C  1 N3 ? ? ? 1_555 B G  8 N1 ? ? A C  101 B G  216 1_555 ? ? ? ? ? ? WATSON-CRICK ? ? ? 
hydrog2  hydrog ? ? A C  1 N4 ? ? ? 1_555 B G  8 O6 ? ? A C  101 B G  216 1_555 ? ? ? ? ? ? WATSON-CRICK ? ? ? 
hydrog3  hydrog ? ? A C  1 O2 ? ? ? 1_555 B G  8 N2 ? ? A C  101 B G  216 1_555 ? ? ? ? ? ? WATSON-CRICK ? ? ? 
hydrog4  hydrog ? ? A G  2 N1 ? ? ? 1_555 B C  7 N3 ? ? A G  102 B C  215 1_555 ? ? ? ? ? ? WATSON-CRICK ? ? ? 
hydrog5  hydrog ? ? A G  2 N2 ? ? ? 1_555 B C  7 O2 ? ? A G  102 B C  215 1_555 ? ? ? ? ? ? WATSON-CRICK ? ? ? 
hydrog6  hydrog ? ? A G  2 O6 ? ? ? 1_555 B C  7 N4 ? ? A G  102 B C  215 1_555 ? ? ? ? ? ? WATSON-CRICK ? ? ? 
hydrog7  hydrog ? ? A A  3 N1 ? ? ? 1_555 B U  6 N3 ? ? A A  103 B U  214 1_555 ? ? ? ? ? ? WATSON-CRICK ? ? ? 
hydrog8  hydrog ? ? A A  3 N6 ? ? ? 1_555 B U  6 O4 ? ? A A  103 B U  214 1_555 ? ? ? ? ? ? WATSON-CRICK ? ? ? 
hydrog9  hydrog ? ? A A  4 N1 ? ? ? 1_555 B DT 5 N3 ? ? A A  104 B DT 213 1_555 ? ? ? ? ? ? WATSON-CRICK ? ? ? 
hydrog10 hydrog ? ? A A  4 N6 ? ? ? 1_555 B DT 5 O4 ? ? A A  104 B DT 213 1_555 ? ? ? ? ? ? WATSON-CRICK ? ? ? 
hydrog11 hydrog ? ? A DT 5 N3 ? ? ? 1_555 B A  4 N1 ? ? A DT 105 B A  212 1_555 ? ? ? ? ? ? WATSON-CRICK ? ? ? 
hydrog12 hydrog ? ? A DT 5 O4 ? ? ? 1_555 B A  4 N6 ? ? A DT 105 B A  212 1_555 ? ? ? ? ? ? WATSON-CRICK ? ? ? 
hydrog13 hydrog ? ? A U  6 N3 ? ? ? 1_555 B A  3 N1 ? ? A U  106 B A  211 1_555 ? ? ? ? ? ? WATSON-CRICK ? ? ? 
hydrog14 hydrog ? ? A U  6 O4 ? ? ? 1_555 B A  3 N6 ? ? A U  106 B A  211 1_555 ? ? ? ? ? ? WATSON-CRICK ? ? ? 
hydrog15 hydrog ? ? A C  7 N3 ? ? ? 1_555 B G  2 N1 ? ? A C  107 B G  210 1_555 ? ? ? ? ? ? WATSON-CRICK ? ? ? 
hydrog16 hydrog ? ? A C  7 N4 ? ? ? 1_555 B G  2 O6 ? ? A C  107 B G  210 1_555 ? ? ? ? ? ? WATSON-CRICK ? ? ? 
hydrog17 hydrog ? ? A C  7 O2 ? ? ? 1_555 B G  2 N2 ? ? A C  107 B G  210 1_555 ? ? ? ? ? ? WATSON-CRICK ? ? ? 
hydrog18 hydrog ? ? A G  8 N1 ? ? ? 1_555 B C  1 N3 ? ? A G  108 B C  209 1_555 ? ? ? ? ? ? WATSON-CRICK ? ? ? 
hydrog19 hydrog ? ? A G  8 N2 ? ? ? 1_555 B C  1 O2 ? ? A G  108 B C  209 1_555 ? ? ? ? ? ? WATSON-CRICK ? ? ? 
hydrog20 hydrog ? ? A G  8 O6 ? ? ? 1_555 B C  1 N4 ? ? A G  108 B C  209 1_555 ? ? ? ? ? ? WATSON-CRICK ? ? ? 
hydrog21 hydrog ? ? C C  1 N3 ? ? ? 1_555 D G  8 N1 ? ? C C  101 D G  216 1_555 ? ? ? ? ? ? WATSON-CRICK ? ? ? 
hydrog22 hydrog ? ? C C  1 N4 ? ? ? 1_555 D G  8 O6 ? ? C C  101 D G  216 1_555 ? ? ? ? ? ? WATSON-CRICK ? ? ? 
hydrog23 hydrog ? ? C C  1 O2 ? ? ? 1_555 D G  8 N2 ? ? C C  101 D G  216 1_555 ? ? ? ? ? ? WATSON-CRICK ? ? ? 
hydrog24 hydrog ? ? C G  2 N1 ? ? ? 1_555 D C  7 N3 ? ? C G  102 D C  215 1_555 ? ? ? ? ? ? WATSON-CRICK ? ? ? 
hydrog25 hydrog ? ? C G  2 N2 ? ? ? 1_555 D C  7 O2 ? ? C G  102 D C  215 1_555 ? ? ? ? ? ? WATSON-CRICK ? ? ? 
hydrog26 hydrog ? ? C G  2 O6 ? ? ? 1_555 D C  7 N4 ? ? C G  102 D C  215 1_555 ? ? ? ? ? ? WATSON-CRICK ? ? ? 
hydrog27 hydrog ? ? C A  3 N1 ? ? ? 1_555 D U  6 N3 ? ? C A  103 D U  214 1_555 ? ? ? ? ? ? WATSON-CRICK ? ? ? 
hydrog28 hydrog ? ? C A  3 N6 ? ? ? 1_555 D U  6 O4 ? ? C A  103 D U  214 1_555 ? ? ? ? ? ? WATSON-CRICK ? ? ? 
hydrog29 hydrog ? ? C A  4 N1 ? ? ? 1_555 D DT 5 N3 ? ? C A  104 D DT 213 1_555 ? ? ? ? ? ? WATSON-CRICK ? ? ? 
hydrog30 hydrog ? ? C A  4 N6 ? ? ? 1_555 D DT 5 O4 ? ? C A  104 D DT 213 1_555 ? ? ? ? ? ? WATSON-CRICK ? ? ? 
hydrog31 hydrog ? ? C DT 5 N3 ? ? ? 1_555 D A  4 N1 ? ? C DT 105 D A  212 1_555 ? ? ? ? ? ? WATSON-CRICK ? ? ? 
hydrog32 hydrog ? ? C DT 5 O4 ? ? ? 1_555 D A  4 N6 ? ? C DT 105 D A  212 1_555 ? ? ? ? ? ? WATSON-CRICK ? ? ? 
hydrog33 hydrog ? ? C U  6 N3 ? ? ? 1_555 D A  3 N1 ? ? C U  106 D A  211 1_555 ? ? ? ? ? ? WATSON-CRICK ? ? ? 
hydrog34 hydrog ? ? C U  6 O4 ? ? ? 1_555 D A  3 N6 ? ? C U  106 D A  211 1_555 ? ? ? ? ? ? WATSON-CRICK ? ? ? 
hydrog35 hydrog ? ? C C  7 N3 ? ? ? 1_555 D G  2 N1 ? ? C C  107 D G  210 1_555 ? ? ? ? ? ? WATSON-CRICK ? ? ? 
hydrog36 hydrog ? ? C C  7 N4 ? ? ? 1_555 D G  2 O6 ? ? C C  107 D G  210 1_555 ? ? ? ? ? ? WATSON-CRICK ? ? ? 
hydrog37 hydrog ? ? C C  7 O2 ? ? ? 1_555 D G  2 N2 ? ? C C  107 D G  210 1_555 ? ? ? ? ? ? WATSON-CRICK ? ? ? 
hydrog38 hydrog ? ? C G  8 N1 ? ? ? 1_555 D C  1 N3 ? ? C G  108 D C  209 1_555 ? ? ? ? ? ? WATSON-CRICK ? ? ? 
hydrog39 hydrog ? ? C G  8 N2 ? ? ? 1_555 D C  1 O2 ? ? C G  108 D C  209 1_555 ? ? ? ? ? ? WATSON-CRICK ? ? ? 
hydrog40 hydrog ? ? C G  8 O6 ? ? ? 1_555 D C  1 N4 ? ? C G  108 D C  209 1_555 ? ? ? ? ? ? WATSON-CRICK ? ? ? 
# 
_struct_conn_type.id          hydrog 
_struct_conn_type.criteria    ? 
_struct_conn_type.reference   ? 
# 
loop_
_struct_site.id 
_struct_site.pdbx_evidence_code 
_struct_site.pdbx_auth_asym_id 
_struct_site.pdbx_auth_comp_id 
_struct_site.pdbx_auth_seq_id 
_struct_site.pdbx_auth_ins_code 
_struct_site.pdbx_num_residues 
_struct_site.details 
AC1 Software B NCO 301 ? 6 'binding site for residue NCO B 301' 
AC2 Software C NCO 201 ? 6 'binding site for residue NCO C 201' 
# 
loop_
_struct_site_gen.id 
_struct_site_gen.site_id 
_struct_site_gen.pdbx_num_res 
_struct_site_gen.label_comp_id 
_struct_site_gen.label_asym_id 
_struct_site_gen.label_seq_id 
_struct_site_gen.pdbx_auth_ins_code 
_struct_site_gen.auth_comp_id 
_struct_site_gen.auth_asym_id 
_struct_site_gen.auth_seq_id 
_struct_site_gen.label_atom_id 
_struct_site_gen.label_alt_id 
_struct_site_gen.symmetry 
_struct_site_gen.details 
1  AC1 6 C   A 7 ? C   A 107 . ? 4_455 ? 
2  AC1 6 G   A 8 ? G   A 108 . ? 4_455 ? 
3  AC1 6 A   B 4 ? A   B 212 . ? 1_555 ? 
4  AC1 6 HOH H . ? HOH B 405 . ? 1_555 ? 
5  AC1 6 U   C 6 ? U   C 106 . ? 6_455 ? 
6  AC1 6 C   C 7 ? C   C 107 . ? 6_455 ? 
7  AC2 6 U   A 6 ? U   A 106 . ? 7_555 ? 
8  AC2 6 C   A 7 ? C   A 107 . ? 7_555 ? 
9  AC2 6 A   C 3 ? A   C 103 . ? 7_555 ? 
10 AC2 6 A   C 4 ? A   C 104 . ? 7_555 ? 
11 AC2 6 G   C 8 ? G   C 108 . ? 1_555 ? 
12 AC2 6 HOH I . ? HOH C 301 . ? 1_555 ? 
# 
loop_
_space_group_symop.id 
_space_group_symop.operation_xyz 
1 x,y,z               
2 -y+1/2,x+1/2,z+3/4  
3 y+1/2,-x+1/2,z+1/4  
4 x+1/2,-y+1/2,-z+1/4 
5 -x+1/2,y+1/2,-z+3/4 
6 -x,-y,z+1/2         
7 y,x,-z              
8 -y,-x,-z+1/2        
# 
_diffrn_reflns.diffrn_id                   1 
_diffrn_reflns.pdbx_d_res_high             2.000 
_diffrn_reflns.pdbx_d_res_low              50.000 
_diffrn_reflns.pdbx_number_obs             6070 
_diffrn_reflns.pdbx_Rmerge_I_obs           0.126 
_diffrn_reflns.pdbx_Rsym_value             ? 
_diffrn_reflns.pdbx_chi_squared            1.06 
_diffrn_reflns.pdbx_redundancy             12.80 
_diffrn_reflns.pdbx_rejects                ? 
_diffrn_reflns.pdbx_percent_possible_obs   97.60 
_diffrn_reflns.pdbx_observed_criterion     ? 
_diffrn_reflns.number                      77578 
_diffrn_reflns.limit_h_max                 ? 
_diffrn_reflns.limit_h_min                 ? 
_diffrn_reflns.limit_k_max                 ? 
_diffrn_reflns.limit_k_min                 ? 
_diffrn_reflns.limit_l_max                 ? 
_diffrn_reflns.limit_l_min                 ? 
# 
loop_
_pdbx_diffrn_reflns_shell.diffrn_id 
_pdbx_diffrn_reflns_shell.d_res_high 
_pdbx_diffrn_reflns_shell.d_res_low 
_pdbx_diffrn_reflns_shell.number_obs 
_pdbx_diffrn_reflns_shell.rejects 
_pdbx_diffrn_reflns_shell.Rmerge_I_obs 
_pdbx_diffrn_reflns_shell.Rsym_value 
_pdbx_diffrn_reflns_shell.chi_squared 
_pdbx_diffrn_reflns_shell.redundancy 
_pdbx_diffrn_reflns_shell.percent_possible_obs 
1 5.43 50.00 ? ? 0.081 ? 1.116 11.30 ? 
1 4.31 5.43  ? ? 0.081 ? 1.068 12.90 ? 
1 3.76 4.31  ? ? 0.095 ? 1.069 13.30 ? 
1 3.42 3.76  ? ? 0.117 ? 1.070 13.70 ? 
1 3.17 3.42  ? ? 0.132 ? 1.055 13.70 ? 
1 2.99 3.17  ? ? 0.164 ? 1.175 13.60 ? 
1 2.84 2.99  ? ? 0.189 ? 1.175 14.10 ? 
1 2.71 2.84  ? ? 0.254 ? 1.173 13.90 ? 
1 2.61 2.71  ? ? 0.254 ? 1.175 14.30 ? 
1 2.52 2.61  ? ? 0.356 ? 1.071 14.00 ? 
1 2.44 2.52  ? ? 0.460 ? 1.021 14.10 ? 
1 2.37 2.44  ? ? 0.572 ? 0.981 14.20 ? 
1 2.31 2.37  ? ? 0.630 ? 0.992 14.20 ? 
1 2.25 2.31  ? ? 0.745 ? 0.978 14.20 ? 
1 2.20 2.25  ? ? 0.912 ? 0.993 13.70 ? 
1 2.15 2.20  ? ? 0.997 ? 0.997 12.70 ? 
1 2.11 2.15  ? ? ?     ? 0.948 11.60 ? 
1 2.07 2.11  ? ? ?     ? 0.991 9.70  ? 
1 2.03 2.07  ? ? 0.940 ? 0.980 8.70  ? 
1 2.00 2.03  ? ? 0.974 ? 1.062 7.50  ? 
# 
_phasing.method   MR 
# 
loop_
_chem_comp_atom.comp_id 
_chem_comp_atom.atom_id 
_chem_comp_atom.type_symbol 
_chem_comp_atom.pdbx_aromatic_flag 
_chem_comp_atom.pdbx_stereo_config 
_chem_comp_atom.pdbx_ordinal 
A   OP3    O  N N 1   
A   P      P  N N 2   
A   OP1    O  N N 3   
A   OP2    O  N N 4   
A   "O5'"  O  N N 5   
A   "C5'"  C  N N 6   
A   "C4'"  C  N R 7   
A   "O4'"  O  N N 8   
A   "C3'"  C  N S 9   
A   "O3'"  O  N N 10  
A   "C2'"  C  N R 11  
A   "O2'"  O  N N 12  
A   "C1'"  C  N R 13  
A   N9     N  Y N 14  
A   C8     C  Y N 15  
A   N7     N  Y N 16  
A   C5     C  Y N 17  
A   C6     C  Y N 18  
A   N6     N  N N 19  
A   N1     N  Y N 20  
A   C2     C  Y N 21  
A   N3     N  Y N 22  
A   C4     C  Y N 23  
A   HOP3   H  N N 24  
A   HOP2   H  N N 25  
A   "H5'"  H  N N 26  
A   "H5''" H  N N 27  
A   "H4'"  H  N N 28  
A   "H3'"  H  N N 29  
A   "HO3'" H  N N 30  
A   "H2'"  H  N N 31  
A   "HO2'" H  N N 32  
A   "H1'"  H  N N 33  
A   H8     H  N N 34  
A   H61    H  N N 35  
A   H62    H  N N 36  
A   H2     H  N N 37  
C   OP3    O  N N 38  
C   P      P  N N 39  
C   OP1    O  N N 40  
C   OP2    O  N N 41  
C   "O5'"  O  N N 42  
C   "C5'"  C  N N 43  
C   "C4'"  C  N R 44  
C   "O4'"  O  N N 45  
C   "C3'"  C  N S 46  
C   "O3'"  O  N N 47  
C   "C2'"  C  N R 48  
C   "O2'"  O  N N 49  
C   "C1'"  C  N R 50  
C   N1     N  N N 51  
C   C2     C  N N 52  
C   O2     O  N N 53  
C   N3     N  N N 54  
C   C4     C  N N 55  
C   N4     N  N N 56  
C   C5     C  N N 57  
C   C6     C  N N 58  
C   HOP3   H  N N 59  
C   HOP2   H  N N 60  
C   "H5'"  H  N N 61  
C   "H5''" H  N N 62  
C   "H4'"  H  N N 63  
C   "H3'"  H  N N 64  
C   "HO3'" H  N N 65  
C   "H2'"  H  N N 66  
C   "HO2'" H  N N 67  
C   "H1'"  H  N N 68  
C   H41    H  N N 69  
C   H42    H  N N 70  
C   H5     H  N N 71  
C   H6     H  N N 72  
DT  OP3    O  N N 73  
DT  P      P  N N 74  
DT  OP1    O  N N 75  
DT  OP2    O  N N 76  
DT  "O5'"  O  N N 77  
DT  "C5'"  C  N N 78  
DT  "C4'"  C  N R 79  
DT  "O4'"  O  N N 80  
DT  "C3'"  C  N S 81  
DT  "O3'"  O  N N 82  
DT  "C2'"  C  N N 83  
DT  "C1'"  C  N R 84  
DT  N1     N  N N 85  
DT  C2     C  N N 86  
DT  O2     O  N N 87  
DT  N3     N  N N 88  
DT  C4     C  N N 89  
DT  O4     O  N N 90  
DT  C5     C  N N 91  
DT  C7     C  N N 92  
DT  C6     C  N N 93  
DT  HOP3   H  N N 94  
DT  HOP2   H  N N 95  
DT  "H5'"  H  N N 96  
DT  "H5''" H  N N 97  
DT  "H4'"  H  N N 98  
DT  "H3'"  H  N N 99  
DT  "HO3'" H  N N 100 
DT  "H2'"  H  N N 101 
DT  "H2''" H  N N 102 
DT  "H1'"  H  N N 103 
DT  H3     H  N N 104 
DT  H71    H  N N 105 
DT  H72    H  N N 106 
DT  H73    H  N N 107 
DT  H6     H  N N 108 
G   OP3    O  N N 109 
G   P      P  N N 110 
G   OP1    O  N N 111 
G   OP2    O  N N 112 
G   "O5'"  O  N N 113 
G   "C5'"  C  N N 114 
G   "C4'"  C  N R 115 
G   "O4'"  O  N N 116 
G   "C3'"  C  N S 117 
G   "O3'"  O  N N 118 
G   "C2'"  C  N R 119 
G   "O2'"  O  N N 120 
G   "C1'"  C  N R 121 
G   N9     N  Y N 122 
G   C8     C  Y N 123 
G   N7     N  Y N 124 
G   C5     C  Y N 125 
G   C6     C  N N 126 
G   O6     O  N N 127 
G   N1     N  N N 128 
G   C2     C  N N 129 
G   N2     N  N N 130 
G   N3     N  N N 131 
G   C4     C  Y N 132 
G   HOP3   H  N N 133 
G   HOP2   H  N N 134 
G   "H5'"  H  N N 135 
G   "H5''" H  N N 136 
G   "H4'"  H  N N 137 
G   "H3'"  H  N N 138 
G   "HO3'" H  N N 139 
G   "H2'"  H  N N 140 
G   "HO2'" H  N N 141 
G   "H1'"  H  N N 142 
G   H8     H  N N 143 
G   H1     H  N N 144 
G   H21    H  N N 145 
G   H22    H  N N 146 
HOH O      O  N N 147 
HOH H1     H  N N 148 
HOH H2     H  N N 149 
NCO CO     CO N N 150 
NCO N1     N  N N 151 
NCO N2     N  N N 152 
NCO N3     N  N N 153 
NCO N4     N  N N 154 
NCO N5     N  N N 155 
NCO N6     N  N N 156 
NCO HN11   H  N N 157 
NCO HN12   H  N N 158 
NCO HN13   H  N N 159 
NCO HN21   H  N N 160 
NCO HN22   H  N N 161 
NCO HN23   H  N N 162 
NCO HN31   H  N N 163 
NCO HN32   H  N N 164 
NCO HN33   H  N N 165 
NCO HN41   H  N N 166 
NCO HN42   H  N N 167 
NCO HN43   H  N N 168 
NCO HN51   H  N N 169 
NCO HN52   H  N N 170 
NCO HN53   H  N N 171 
NCO HN61   H  N N 172 
NCO HN62   H  N N 173 
NCO HN63   H  N N 174 
U   OP3    O  N N 175 
U   P      P  N N 176 
U   OP1    O  N N 177 
U   OP2    O  N N 178 
U   "O5'"  O  N N 179 
U   "C5'"  C  N N 180 
U   "C4'"  C  N R 181 
U   "O4'"  O  N N 182 
U   "C3'"  C  N S 183 
U   "O3'"  O  N N 184 
U   "C2'"  C  N R 185 
U   "O2'"  O  N N 186 
U   "C1'"  C  N R 187 
U   N1     N  N N 188 
U   C2     C  N N 189 
U   O2     O  N N 190 
U   N3     N  N N 191 
U   C4     C  N N 192 
U   O4     O  N N 193 
U   C5     C  N N 194 
U   C6     C  N N 195 
U   HOP3   H  N N 196 
U   HOP2   H  N N 197 
U   "H5'"  H  N N 198 
U   "H5''" H  N N 199 
U   "H4'"  H  N N 200 
U   "H3'"  H  N N 201 
U   "HO3'" H  N N 202 
U   "H2'"  H  N N 203 
U   "HO2'" H  N N 204 
U   "H1'"  H  N N 205 
U   H3     H  N N 206 
U   H5     H  N N 207 
U   H6     H  N N 208 
# 
loop_
_chem_comp_bond.comp_id 
_chem_comp_bond.atom_id_1 
_chem_comp_bond.atom_id_2 
_chem_comp_bond.value_order 
_chem_comp_bond.pdbx_aromatic_flag 
_chem_comp_bond.pdbx_stereo_config 
_chem_comp_bond.pdbx_ordinal 
A   OP3   P      sing N N 1   
A   OP3   HOP3   sing N N 2   
A   P     OP1    doub N N 3   
A   P     OP2    sing N N 4   
A   P     "O5'"  sing N N 5   
A   OP2   HOP2   sing N N 6   
A   "O5'" "C5'"  sing N N 7   
A   "C5'" "C4'"  sing N N 8   
A   "C5'" "H5'"  sing N N 9   
A   "C5'" "H5''" sing N N 10  
A   "C4'" "O4'"  sing N N 11  
A   "C4'" "C3'"  sing N N 12  
A   "C4'" "H4'"  sing N N 13  
A   "O4'" "C1'"  sing N N 14  
A   "C3'" "O3'"  sing N N 15  
A   "C3'" "C2'"  sing N N 16  
A   "C3'" "H3'"  sing N N 17  
A   "O3'" "HO3'" sing N N 18  
A   "C2'" "O2'"  sing N N 19  
A   "C2'" "C1'"  sing N N 20  
A   "C2'" "H2'"  sing N N 21  
A   "O2'" "HO2'" sing N N 22  
A   "C1'" N9     sing N N 23  
A   "C1'" "H1'"  sing N N 24  
A   N9    C8     sing Y N 25  
A   N9    C4     sing Y N 26  
A   C8    N7     doub Y N 27  
A   C8    H8     sing N N 28  
A   N7    C5     sing Y N 29  
A   C5    C6     sing Y N 30  
A   C5    C4     doub Y N 31  
A   C6    N6     sing N N 32  
A   C6    N1     doub Y N 33  
A   N6    H61    sing N N 34  
A   N6    H62    sing N N 35  
A   N1    C2     sing Y N 36  
A   C2    N3     doub Y N 37  
A   C2    H2     sing N N 38  
A   N3    C4     sing Y N 39  
C   OP3   P      sing N N 40  
C   OP3   HOP3   sing N N 41  
C   P     OP1    doub N N 42  
C   P     OP2    sing N N 43  
C   P     "O5'"  sing N N 44  
C   OP2   HOP2   sing N N 45  
C   "O5'" "C5'"  sing N N 46  
C   "C5'" "C4'"  sing N N 47  
C   "C5'" "H5'"  sing N N 48  
C   "C5'" "H5''" sing N N 49  
C   "C4'" "O4'"  sing N N 50  
C   "C4'" "C3'"  sing N N 51  
C   "C4'" "H4'"  sing N N 52  
C   "O4'" "C1'"  sing N N 53  
C   "C3'" "O3'"  sing N N 54  
C   "C3'" "C2'"  sing N N 55  
C   "C3'" "H3'"  sing N N 56  
C   "O3'" "HO3'" sing N N 57  
C   "C2'" "O2'"  sing N N 58  
C   "C2'" "C1'"  sing N N 59  
C   "C2'" "H2'"  sing N N 60  
C   "O2'" "HO2'" sing N N 61  
C   "C1'" N1     sing N N 62  
C   "C1'" "H1'"  sing N N 63  
C   N1    C2     sing N N 64  
C   N1    C6     sing N N 65  
C   C2    O2     doub N N 66  
C   C2    N3     sing N N 67  
C   N3    C4     doub N N 68  
C   C4    N4     sing N N 69  
C   C4    C5     sing N N 70  
C   N4    H41    sing N N 71  
C   N4    H42    sing N N 72  
C   C5    C6     doub N N 73  
C   C5    H5     sing N N 74  
C   C6    H6     sing N N 75  
DT  OP3   P      sing N N 76  
DT  OP3   HOP3   sing N N 77  
DT  P     OP1    doub N N 78  
DT  P     OP2    sing N N 79  
DT  P     "O5'"  sing N N 80  
DT  OP2   HOP2   sing N N 81  
DT  "O5'" "C5'"  sing N N 82  
DT  "C5'" "C4'"  sing N N 83  
DT  "C5'" "H5'"  sing N N 84  
DT  "C5'" "H5''" sing N N 85  
DT  "C4'" "O4'"  sing N N 86  
DT  "C4'" "C3'"  sing N N 87  
DT  "C4'" "H4'"  sing N N 88  
DT  "O4'" "C1'"  sing N N 89  
DT  "C3'" "O3'"  sing N N 90  
DT  "C3'" "C2'"  sing N N 91  
DT  "C3'" "H3'"  sing N N 92  
DT  "O3'" "HO3'" sing N N 93  
DT  "C2'" "C1'"  sing N N 94  
DT  "C2'" "H2'"  sing N N 95  
DT  "C2'" "H2''" sing N N 96  
DT  "C1'" N1     sing N N 97  
DT  "C1'" "H1'"  sing N N 98  
DT  N1    C2     sing N N 99  
DT  N1    C6     sing N N 100 
DT  C2    O2     doub N N 101 
DT  C2    N3     sing N N 102 
DT  N3    C4     sing N N 103 
DT  N3    H3     sing N N 104 
DT  C4    O4     doub N N 105 
DT  C4    C5     sing N N 106 
DT  C5    C7     sing N N 107 
DT  C5    C6     doub N N 108 
DT  C7    H71    sing N N 109 
DT  C7    H72    sing N N 110 
DT  C7    H73    sing N N 111 
DT  C6    H6     sing N N 112 
G   OP3   P      sing N N 113 
G   OP3   HOP3   sing N N 114 
G   P     OP1    doub N N 115 
G   P     OP2    sing N N 116 
G   P     "O5'"  sing N N 117 
G   OP2   HOP2   sing N N 118 
G   "O5'" "C5'"  sing N N 119 
G   "C5'" "C4'"  sing N N 120 
G   "C5'" "H5'"  sing N N 121 
G   "C5'" "H5''" sing N N 122 
G   "C4'" "O4'"  sing N N 123 
G   "C4'" "C3'"  sing N N 124 
G   "C4'" "H4'"  sing N N 125 
G   "O4'" "C1'"  sing N N 126 
G   "C3'" "O3'"  sing N N 127 
G   "C3'" "C2'"  sing N N 128 
G   "C3'" "H3'"  sing N N 129 
G   "O3'" "HO3'" sing N N 130 
G   "C2'" "O2'"  sing N N 131 
G   "C2'" "C1'"  sing N N 132 
G   "C2'" "H2'"  sing N N 133 
G   "O2'" "HO2'" sing N N 134 
G   "C1'" N9     sing N N 135 
G   "C1'" "H1'"  sing N N 136 
G   N9    C8     sing Y N 137 
G   N9    C4     sing Y N 138 
G   C8    N7     doub Y N 139 
G   C8    H8     sing N N 140 
G   N7    C5     sing Y N 141 
G   C5    C6     sing N N 142 
G   C5    C4     doub Y N 143 
G   C6    O6     doub N N 144 
G   C6    N1     sing N N 145 
G   N1    C2     sing N N 146 
G   N1    H1     sing N N 147 
G   C2    N2     sing N N 148 
G   C2    N3     doub N N 149 
G   N2    H21    sing N N 150 
G   N2    H22    sing N N 151 
G   N3    C4     sing N N 152 
HOH O     H1     sing N N 153 
HOH O     H2     sing N N 154 
NCO CO    N1     sing N N 155 
NCO CO    N2     sing N N 156 
NCO CO    N3     sing N N 157 
NCO CO    N4     sing N N 158 
NCO CO    N5     sing N N 159 
NCO CO    N6     sing N N 160 
NCO N1    HN11   sing N N 161 
NCO N1    HN12   sing N N 162 
NCO N1    HN13   sing N N 163 
NCO N2    HN21   sing N N 164 
NCO N2    HN22   sing N N 165 
NCO N2    HN23   sing N N 166 
NCO N3    HN31   sing N N 167 
NCO N3    HN32   sing N N 168 
NCO N3    HN33   sing N N 169 
NCO N4    HN41   sing N N 170 
NCO N4    HN42   sing N N 171 
NCO N4    HN43   sing N N 172 
NCO N5    HN51   sing N N 173 
NCO N5    HN52   sing N N 174 
NCO N5    HN53   sing N N 175 
NCO N6    HN61   sing N N 176 
NCO N6    HN62   sing N N 177 
NCO N6    HN63   sing N N 178 
U   OP3   P      sing N N 179 
U   OP3   HOP3   sing N N 180 
U   P     OP1    doub N N 181 
U   P     OP2    sing N N 182 
U   P     "O5'"  sing N N 183 
U   OP2   HOP2   sing N N 184 
U   "O5'" "C5'"  sing N N 185 
U   "C5'" "C4'"  sing N N 186 
U   "C5'" "H5'"  sing N N 187 
U   "C5'" "H5''" sing N N 188 
U   "C4'" "O4'"  sing N N 189 
U   "C4'" "C3'"  sing N N 190 
U   "C4'" "H4'"  sing N N 191 
U   "O4'" "C1'"  sing N N 192 
U   "C3'" "O3'"  sing N N 193 
U   "C3'" "C2'"  sing N N 194 
U   "C3'" "H3'"  sing N N 195 
U   "O3'" "HO3'" sing N N 196 
U   "C2'" "O2'"  sing N N 197 
U   "C2'" "C1'"  sing N N 198 
U   "C2'" "H2'"  sing N N 199 
U   "O2'" "HO2'" sing N N 200 
U   "C1'" N1     sing N N 201 
U   "C1'" "H1'"  sing N N 202 
U   N1    C2     sing N N 203 
U   N1    C6     sing N N 204 
U   C2    O2     doub N N 205 
U   C2    N3     sing N N 206 
U   N3    C4     sing N N 207 
U   N3    H3     sing N N 208 
U   C4    O4     doub N N 209 
U   C4    C5     sing N N 210 
U   C5    C6     doub N N 211 
U   C5    H5     sing N N 212 
U   C6    H6     sing N N 213 
# 
_ndb_struct_conf_na.entry_id   5DEK 
_ndb_struct_conf_na.feature    'a-form double helix' 
# 
loop_
_ndb_struct_na_base_pair.model_number 
_ndb_struct_na_base_pair.i_label_asym_id 
_ndb_struct_na_base_pair.i_label_comp_id 
_ndb_struct_na_base_pair.i_label_seq_id 
_ndb_struct_na_base_pair.i_symmetry 
_ndb_struct_na_base_pair.j_label_asym_id 
_ndb_struct_na_base_pair.j_label_comp_id 
_ndb_struct_na_base_pair.j_label_seq_id 
_ndb_struct_na_base_pair.j_symmetry 
_ndb_struct_na_base_pair.shear 
_ndb_struct_na_base_pair.stretch 
_ndb_struct_na_base_pair.stagger 
_ndb_struct_na_base_pair.buckle 
_ndb_struct_na_base_pair.propeller 
_ndb_struct_na_base_pair.opening 
_ndb_struct_na_base_pair.pair_number 
_ndb_struct_na_base_pair.pair_name 
_ndb_struct_na_base_pair.i_auth_asym_id 
_ndb_struct_na_base_pair.i_auth_seq_id 
_ndb_struct_na_base_pair.i_PDB_ins_code 
_ndb_struct_na_base_pair.j_auth_asym_id 
_ndb_struct_na_base_pair.j_auth_seq_id 
_ndb_struct_na_base_pair.j_PDB_ins_code 
_ndb_struct_na_base_pair.hbond_type_28 
_ndb_struct_na_base_pair.hbond_type_12 
1 A C  1 1_555 B G  8 1_555 0.110  -0.081 -0.221 10.185  -17.630 2.134  1  A_C101:G216_B  A 101 ? B 216 ? 19 1 
1 A G  2 1_555 B C  7 1_555 -0.446 -0.191 -0.101 -6.030  -10.219 1.776  2  A_G102:C215_B  A 102 ? B 215 ? 19 1 
1 A A  3 1_555 B U  6 1_555 0.187  -0.181 -0.318 -7.853  -13.205 -0.798 3  A_A103:U214_B  A 103 ? B 214 ? 20 1 
1 A A  4 1_555 B DT 5 1_555 -0.228 -0.203 0.084  -3.197  -12.824 2.675  4  A_A104:DT213_B A 104 ? B 213 ? 20 1 
1 A DT 5 1_555 B A  4 1_555 0.321  -0.212 0.022  6.111   -12.984 -1.749 5  A_DT105:A212_B A 105 ? B 212 ? 20 1 
1 A U  6 1_555 B A  3 1_555 -0.056 -0.203 -0.339 9.008   -9.981  -1.975 6  A_U106:A211_B  A 106 ? B 211 ? 20 1 
1 A C  7 1_555 B G  2 1_555 0.272  -0.203 -0.075 3.876   -14.386 2.729  7  A_C107:G210_B  A 107 ? B 210 ? 19 1 
1 A G  8 1_555 B C  1 1_555 -0.111 -0.110 -0.310 -13.640 -19.718 -1.629 8  A_G108:C209_B  A 108 ? B 209 ? 19 1 
1 C C  1 1_555 D G  8 1_555 0.185  -0.050 -0.241 13.876  -18.211 -0.936 9  C_C101:G216_D  C 101 ? D 216 ? 19 1 
1 C G  2 1_555 D C  7 1_555 -0.487 -0.249 -0.085 -5.206  -14.588 2.497  10 C_G102:C215_D  C 102 ? D 215 ? 19 1 
1 C A  3 1_555 D U  6 1_555 -0.012 -0.199 -0.301 -10.128 -11.761 -1.464 11 C_A103:U214_D  C 103 ? D 214 ? 20 1 
1 C A  4 1_555 D DT 5 1_555 -0.071 -0.170 -0.064 -6.796  -11.681 0.427  12 C_A104:DT213_D C 104 ? D 213 ? 20 1 
1 C DT 5 1_555 D A  4 1_555 0.405  -0.235 -0.015 3.263   -8.737  -0.201 13 C_DT105:A212_D C 105 ? D 212 ? 20 1 
1 C U  6 1_555 D A  3 1_555 -0.011 -0.167 -0.355 7.912   -8.894  -0.352 14 C_U106:A211_D  C 106 ? D 211 ? 20 1 
1 C C  7 1_555 D G  2 1_555 0.004  -0.169 -0.287 5.470   -14.825 2.618  15 C_C107:G210_D  C 107 ? D 210 ? 19 1 
1 C G  8 1_555 D C  1 1_555 -0.688 -0.273 -0.316 -10.090 -18.792 3.086  16 C_G108:C209_D  C 108 ? D 209 ? 19 1 
# 
loop_
_ndb_struct_na_base_pair_step.model_number 
_ndb_struct_na_base_pair_step.i_label_asym_id_1 
_ndb_struct_na_base_pair_step.i_label_comp_id_1 
_ndb_struct_na_base_pair_step.i_label_seq_id_1 
_ndb_struct_na_base_pair_step.i_symmetry_1 
_ndb_struct_na_base_pair_step.j_label_asym_id_1 
_ndb_struct_na_base_pair_step.j_label_comp_id_1 
_ndb_struct_na_base_pair_step.j_label_seq_id_1 
_ndb_struct_na_base_pair_step.j_symmetry_1 
_ndb_struct_na_base_pair_step.i_label_asym_id_2 
_ndb_struct_na_base_pair_step.i_label_comp_id_2 
_ndb_struct_na_base_pair_step.i_label_seq_id_2 
_ndb_struct_na_base_pair_step.i_symmetry_2 
_ndb_struct_na_base_pair_step.j_label_asym_id_2 
_ndb_struct_na_base_pair_step.j_label_comp_id_2 
_ndb_struct_na_base_pair_step.j_label_seq_id_2 
_ndb_struct_na_base_pair_step.j_symmetry_2 
_ndb_struct_na_base_pair_step.shift 
_ndb_struct_na_base_pair_step.slide 
_ndb_struct_na_base_pair_step.rise 
_ndb_struct_na_base_pair_step.tilt 
_ndb_struct_na_base_pair_step.roll 
_ndb_struct_na_base_pair_step.twist 
_ndb_struct_na_base_pair_step.x_displacement 
_ndb_struct_na_base_pair_step.y_displacement 
_ndb_struct_na_base_pair_step.helical_rise 
_ndb_struct_na_base_pair_step.inclination 
_ndb_struct_na_base_pair_step.tip 
_ndb_struct_na_base_pair_step.helical_twist 
_ndb_struct_na_base_pair_step.step_number 
_ndb_struct_na_base_pair_step.step_name 
_ndb_struct_na_base_pair_step.i_auth_asym_id_1 
_ndb_struct_na_base_pair_step.i_auth_seq_id_1 
_ndb_struct_na_base_pair_step.i_PDB_ins_code_1 
_ndb_struct_na_base_pair_step.j_auth_asym_id_1 
_ndb_struct_na_base_pair_step.j_auth_seq_id_1 
_ndb_struct_na_base_pair_step.j_PDB_ins_code_1 
_ndb_struct_na_base_pair_step.i_auth_asym_id_2 
_ndb_struct_na_base_pair_step.i_auth_seq_id_2 
_ndb_struct_na_base_pair_step.i_PDB_ins_code_2 
_ndb_struct_na_base_pair_step.j_auth_asym_id_2 
_ndb_struct_na_base_pair_step.j_auth_seq_id_2 
_ndb_struct_na_base_pair_step.j_PDB_ins_code_2 
1 A C  1 1_555 B G  8 1_555 A G  2 1_555 B C  7 1_555 -0.270 -1.672 3.565 -4.064 13.244 31.446 -4.914 -0.179 2.678 23.085 7.084  
34.291 1  AA_C101G102:C215G216_BB   A 101 ? B 216 ? A 102 ? B 215 ? 
1 A G  2 1_555 B C  7 1_555 A A  3 1_555 B U  6 1_555 -0.336 -1.335 3.273 1.285  9.413  35.330 -3.361 0.704  2.823 15.174 -2.071 
36.546 2  AA_G102A103:U214C215_BB   A 102 ? B 215 ? A 103 ? B 214 ? 
1 A A  3 1_555 B U  6 1_555 A A  4 1_555 B DT 5 1_555 0.072  -1.085 3.023 -1.873 10.535 30.577 -3.570 -0.417 2.512 19.252 3.422  
32.353 3  AA_A103A104:DT213U214_BB  A 103 ? B 214 ? A 104 ? B 213 ? 
1 A A  4 1_555 B DT 5 1_555 A DT 5 1_555 B A  4 1_555 -0.242 -1.200 2.998 -0.050 9.392  33.870 -3.211 0.394  2.584 15.749 0.084  
35.112 4  AA_A104DT105:A212DT213_BB A 104 ? B 213 ? A 105 ? B 212 ? 
1 A DT 5 1_555 B A  4 1_555 A U  6 1_555 B A  3 1_555 0.286  -1.275 3.171 2.328  5.068  30.319 -3.330 -0.110 2.937 9.588  -4.403 
30.815 5  AA_DT105U106:A211A212_BB  A 105 ? B 212 ? A 106 ? B 211 ? 
1 A U  6 1_555 B A  3 1_555 A C  7 1_555 B G  2 1_555 0.522  -1.494 3.208 0.511  11.430 34.791 -3.820 -0.767 2.612 18.507 -0.827 
36.569 6  AA_U106C107:G210A211_BB   A 106 ? B 211 ? A 107 ? B 210 ? 
1 A C  7 1_555 B G  2 1_555 A G  8 1_555 B C  1 1_555 0.071  -1.657 3.559 4.162  15.286 33.810 -4.602 0.436  2.589 24.673 -6.718 
37.239 7  AA_C107G108:C209G210_BB   A 107 ? B 210 ? A 108 ? B 209 ? 
1 C C  1 1_555 D G  8 1_555 C G  2 1_555 D C  7 1_555 -0.183 -1.607 3.540 -4.366 15.411 33.239 -4.614 -0.297 2.575 25.202 7.140  
36.799 8  CC_C101G102:C215G216_DD   C 101 ? D 216 ? C 102 ? D 215 ? 
1 C G  2 1_555 D C  7 1_555 C A  3 1_555 D U  6 1_555 -0.433 -1.281 3.300 -0.931 9.755  35.567 -3.297 0.563  2.871 15.606 1.489  
36.850 9  CC_G102A103:U214C215_DD   C 102 ? D 215 ? C 103 ? D 214 ? 
1 C A  3 1_555 D U  6 1_555 C A  4 1_555 D DT 5 1_555 -0.142 -1.233 3.163 -1.187 6.422  31.599 -3.284 0.058  2.867 11.638 2.151  
32.250 10 CC_A103A104:DT213U214_DD  C 103 ? D 214 ? C 104 ? D 213 ? 
1 C A  4 1_555 D DT 5 1_555 C DT 5 1_555 D A  4 1_555 -0.029 -1.166 3.046 -0.277 9.922  32.777 -3.362 0.010  2.593 17.099 0.478  
34.208 11 CC_A104DT105:A212DT213_DD C 104 ? D 213 ? C 105 ? D 212 ? 
1 C DT 5 1_555 D A  4 1_555 C U  6 1_555 D A  3 1_555 0.091  -1.341 3.119 1.013  8.021  29.116 -4.044 0.011  2.665 15.579 -1.968 
30.194 12 CC_DT105U106:A211A212_DD  C 105 ? D 212 ? C 106 ? D 211 ? 
1 C U  6 1_555 D A  3 1_555 C C  7 1_555 D G  2 1_555 0.326  -1.443 3.270 1.413  10.851 32.403 -4.062 -0.346 2.674 18.788 -2.446 
34.154 13 CC_U106C107:G210A211_DD   C 106 ? D 211 ? C 107 ? D 210 ? 
1 C C  7 1_555 D G  2 1_555 C G  8 1_555 D C  1 1_555 0.472  -1.752 3.555 2.114  16.330 29.627 -5.554 -0.482 2.328 29.263 -3.788 
33.805 14 CC_C107G108:C209G210_DD   C 107 ? D 210 ? C 108 ? D 209 ? 
# 
_space_group.name_H-M_alt     'P 43 21 2' 
_space_group.name_Hall        'P 4nw 2abw' 
_space_group.IT_number        96 
_space_group.crystal_system   tetragonal 
_space_group.id               1 
# 
_atom_sites.entry_id                    5DEK 
_atom_sites.fract_transf_matrix[1][1]   -0.00076431 
_atom_sites.fract_transf_matrix[1][2]   -0.01983310 
_atom_sites.fract_transf_matrix[1][3]   -0.01100989 
_atom_sites.fract_transf_matrix[2][1]   0.01645606 
_atom_sites.fract_transf_matrix[2][2]   -0.00806698 
_atom_sites.fract_transf_matrix[2][3]   0.01338939 
_atom_sites.fract_transf_matrix[3][1]   -0.00805521 
_atom_sites.fract_transf_matrix[3][2]   -0.00388578 
_atom_sites.fract_transf_matrix[3][3]   0.00755900 
_atom_sites.fract_transf_vector[1]      0.027640 
_atom_sites.fract_transf_vector[2]      0.215681 
_atom_sites.fract_transf_vector[3]      0.158983 
# 
loop_
_atom_type.symbol 
_atom_type.scat_dispersion_real 
_atom_type.scat_dispersion_imag 
_atom_type.scat_Cromer_Mann_a1 
_atom_type.scat_Cromer_Mann_a2 
_atom_type.scat_Cromer_Mann_b1 
_atom_type.scat_Cromer_Mann_b2 
_atom_type.scat_Cromer_Mann_c 
_atom_type.scat_source 
_atom_type.scat_dispersion_source 
C  ? ? 3.54356 2.42580 25.62398 1.50364  0.0 
;2-Gaussian fit: Grosse-Kunstleve RW, Sauter NK, Adams PD: Newsletter of the IUCr Commission on Crystallographic Computing 2004, 3, 22-31.
;
? 
CO ? ? ?       ?       ?        ?        ?   ? ? 
N  ? ? 4.01032 2.96436 19.97189 1.75589  0.0 
;2-Gaussian fit: Grosse-Kunstleve RW, Sauter NK, Adams PD: Newsletter of the IUCr Commission on Crystallographic Computing 2004, 3, 22-31.
;
? 
O  ? ? 4.49882 3.47563 15.80542 1.70748  0.0 
;2-Gaussian fit: Grosse-Kunstleve RW, Sauter NK, Adams PD: Newsletter of the IUCr Commission on Crystallographic Computing 2004, 3, 22-31.
;
? 
P  ? ? 9.51135 5.44231 1.42069  35.72801 0.0 
;2-Gaussian fit: Grosse-Kunstleve RW, Sauter NK, Adams PD: Newsletter of the IUCr Commission on Crystallographic Computing 2004, 3, 22-31.
;
? 
# 
loop_
_atom_site.group_PDB 
_atom_site.id 
_atom_site.type_symbol 
_atom_site.label_atom_id 
_atom_site.label_alt_id 
_atom_site.label_comp_id 
_atom_site.label_asym_id 
_atom_site.label_entity_id 
_atom_site.label_seq_id 
_atom_site.pdbx_PDB_ins_code 
_atom_site.Cartn_x 
_atom_site.Cartn_y 
_atom_site.Cartn_z 
_atom_site.occupancy 
_atom_site.B_iso_or_equiv 
_atom_site.pdbx_formal_charge 
_atom_site.auth_seq_id 
_atom_site.auth_comp_id 
_atom_site.auth_asym_id 
_atom_site.auth_atom_id 
_atom_site.pdbx_PDB_model_num 
ATOM   1   O  "O5'" . C   A 1 1 ? 8.502   -8.758  18.076  1.00 57.36  ? 101 C   A "O5'" 1 
ATOM   2   C  "C5'" . C   A 1 1 ? 9.101   -9.937  18.594  1.00 39.46  ? 101 C   A "C5'" 1 
ATOM   3   C  "C4'" . C   A 1 1 ? 8.378   -11.174 18.129  1.00 42.76  ? 101 C   A "C4'" 1 
ATOM   4   O  "O4'" . C   A 1 1 ? 7.039   -11.201 18.688  1.00 44.42  ? 101 C   A "O4'" 1 
ATOM   5   C  "C3'" . C   A 1 1 ? 8.151   -11.290 16.630  1.00 49.03  ? 101 C   A "C3'" 1 
ATOM   6   O  "O3'" . C   A 1 1 ? 9.290   -11.754 15.928  1.00 62.37  ? 101 C   A "O3'" 1 
ATOM   7   C  "C2'" . C   A 1 1 ? 6.954   -12.226 16.546  1.00 46.06  ? 101 C   A "C2'" 1 
ATOM   8   O  "O2'" . C   A 1 1 ? 7.357   -13.575 16.738  1.00 47.89  ? 101 C   A "O2'" 1 
ATOM   9   C  "C1'" . C   A 1 1 ? 6.142   -11.786 17.766  1.00 48.76  ? 101 C   A "C1'" 1 
ATOM   10  N  N1    . C   A 1 1 ? 5.106   -10.788 17.411  1.00 40.22  ? 101 C   A N1    1 
ATOM   11  C  C2    . C   A 1 1 ? 3.904   -11.230 16.849  1.00 36.96  ? 101 C   A C2    1 
ATOM   12  O  O2    . C   A 1 1 ? 3.733   -12.444 16.662  1.00 43.90  ? 101 C   A O2    1 
ATOM   13  N  N3    . C   A 1 1 ? 2.954   -10.323 16.521  1.00 38.30  ? 101 C   A N3    1 
ATOM   14  C  C4    . C   A 1 1 ? 3.167   -9.025  16.736  1.00 36.28  ? 101 C   A C4    1 
ATOM   15  N  N4    . C   A 1 1 ? 2.199   -8.170  16.396  1.00 37.96  ? 101 C   A N4    1 
ATOM   16  C  C5    . C   A 1 1 ? 4.381   -8.544  17.307  1.00 45.00  ? 101 C   A C5    1 
ATOM   17  C  C6    . C   A 1 1 ? 5.312   -9.452  17.626  1.00 47.21  ? 101 C   A C6    1 
ATOM   18  P  P     . G   A 1 2 ? 9.572   -11.247 14.429  1.00 60.27  ? 102 G   A P     1 
ATOM   19  O  OP1   . G   A 1 2 ? 10.935  -11.688 14.036  1.00 64.23  ? 102 G   A OP1   1 
ATOM   20  O  OP2   . G   A 1 2 ? 9.222   -9.805  14.361  1.00 43.83  ? 102 G   A OP2   1 
ATOM   21  O  "O5'" . G   A 1 2 ? 8.516   -12.049 13.546  1.00 43.48  ? 102 G   A "O5'" 1 
ATOM   22  C  "C5'" . G   A 1 2 ? 8.569   -13.465 13.454  1.00 44.38  ? 102 G   A "C5'" 1 
ATOM   23  C  "C4'" . G   A 1 2 ? 7.423   -14.008 12.639  1.00 41.96  ? 102 G   A "C4'" 1 
ATOM   24  O  "O4'" . G   A 1 2 ? 6.174   -13.794 13.345  1.00 60.57  ? 102 G   A "O4'" 1 
ATOM   25  C  "C3'" . G   A 1 2 ? 7.199   -13.351 11.286  1.00 41.26  ? 102 G   A "C3'" 1 
ATOM   26  O  "O3'" . G   A 1 2 ? 8.069   -13.842 10.280  1.00 49.61  ? 102 G   A "O3'" 1 
ATOM   27  C  "C2'" . G   A 1 2 ? 5.728   -13.637 11.016  1.00 39.16  ? 102 G   A "C2'" 1 
ATOM   28  O  "O2'" . G   A 1 2 ? 5.552   -14.969 10.557  1.00 47.15  ? 102 G   A "O2'" 1 
ATOM   29  C  "C1'" . G   A 1 2 ? 5.137   -13.529 12.423  1.00 40.03  ? 102 G   A "C1'" 1 
ATOM   30  N  N9    . G   A 1 2 ? 4.594   -12.186 12.697  1.00 40.75  ? 102 G   A N9    1 
ATOM   31  C  C8    . G   A 1 2 ? 5.135   -11.218 13.509  1.00 38.38  ? 102 G   A C8    1 
ATOM   32  N  N7    . G   A 1 2 ? 4.419   -10.129 13.552  1.00 37.20  ? 102 G   A N7    1 
ATOM   33  C  C5    . G   A 1 2 ? 3.340   -10.393 12.720  1.00 44.34  ? 102 G   A C5    1 
ATOM   34  C  C6    . G   A 1 2 ? 2.227   -9.585  12.371  1.00 35.71  ? 102 G   A C6    1 
ATOM   35  O  O6    . G   A 1 2 ? 1.964   -8.434  12.741  1.00 42.58  ? 102 G   A O6    1 
ATOM   36  N  N1    . G   A 1 2 ? 1.369   -10.244 11.497  1.00 35.77  ? 102 G   A N1    1 
ATOM   37  C  C2    . G   A 1 2 ? 1.556   -11.517 11.019  1.00 38.70  ? 102 G   A C2    1 
ATOM   38  N  N2    . G   A 1 2 ? 0.616   -11.980 10.183  1.00 40.52  ? 102 G   A N2    1 
ATOM   39  N  N3    . G   A 1 2 ? 2.588   -12.281 11.336  1.00 49.38  ? 102 G   A N3    1 
ATOM   40  C  C4    . G   A 1 2 ? 3.434   -11.659 12.184  1.00 45.66  ? 102 G   A C4    1 
ATOM   41  P  P     . A   A 1 3 ? 8.557   -12.877 9.093   1.00 50.71  ? 103 A   A P     1 
ATOM   42  O  OP1   . A   A 1 3 ? 9.597   -13.601 8.317   1.00 46.99  ? 103 A   A OP1   1 
ATOM   43  O  OP2   . A   A 1 3 ? 8.868   -11.546 9.673   1.00 39.78  ? 103 A   A OP2   1 
ATOM   44  O  "O5'" . A   A 1 3 ? 7.269   -12.718 8.169   1.00 38.19  ? 103 A   A "O5'" 1 
ATOM   45  C  "C5'" . A   A 1 3 ? 6.709   -13.838 7.500   1.00 40.21  ? 103 A   A "C5'" 1 
ATOM   46  C  "C4'" . A   A 1 3 ? 5.417   -13.481 6.804   1.00 40.66  ? 103 A   A "C4'" 1 
ATOM   47  O  "O4'" . A   A 1 3 ? 4.406   -13.135 7.787   1.00 38.50  ? 103 A   A "O4'" 1 
ATOM   48  C  "C3'" . A   A 1 3 ? 5.463   -12.273 5.883   1.00 39.58  ? 103 A   A "C3'" 1 
ATOM   49  O  "O3'" . A   A 1 3 ? 6.014   -12.563 4.611   1.00 42.10  ? 103 A   A "O3'" 1 
ATOM   50  C  "C2'" . A   A 1 3 ? 4.004   -11.840 5.835   1.00 38.85  ? 103 A   A "C2'" 1 
ATOM   51  O  "O2'" . A   A 1 3 ? 3.261   -12.675 4.960   1.00 43.81  ? 103 A   A "O2'" 1 
ATOM   52  C  "C1'" . A   A 1 3 ? 3.559   -12.130 7.269   1.00 43.33  ? 103 A   A "C1'" 1 
ATOM   53  N  N9    . A   A 1 3 ? 3.663   -10.935 8.128   1.00 36.62  ? 103 A   A N9    1 
ATOM   54  C  C8    . A   A 1 3 ? 4.663   -10.617 9.013   1.00 43.16  ? 103 A   A C8    1 
ATOM   55  N  N7    . A   A 1 3 ? 4.476   -9.479  9.635   1.00 47.71  ? 103 A   A N7    1 
ATOM   56  C  C5    . A   A 1 3 ? 3.272   -9.014  9.126   1.00 37.16  ? 103 A   A C5    1 
ATOM   57  C  C6    . A   A 1 3 ? 2.520   -7.851  9.381   1.00 42.49  ? 103 A   A C6    1 
ATOM   58  N  N6    . A   A 1 3 ? 2.888   -6.908  10.251  1.00 39.98  ? 103 A   A N6    1 
ATOM   59  N  N1    . A   A 1 3 ? 1.363   -7.691  8.703   1.00 35.58  ? 103 A   A N1    1 
ATOM   60  C  C2    . A   A 1 3 ? 0.995   -8.637  7.830   1.00 35.71  ? 103 A   A C2    1 
ATOM   61  N  N3    . A   A 1 3 ? 1.615   -9.770  7.505   1.00 35.39  ? 103 A   A N3    1 
ATOM   62  C  C4    . A   A 1 3 ? 2.760   -9.900  8.195   1.00 40.53  ? 103 A   A C4    1 
ATOM   63  P  P     . A   A 1 4 ? 6.805   -11.426 3.798   1.00 46.18  ? 104 A   A P     1 
ATOM   64  O  OP1   . A   A 1 4 ? 7.491   -12.072 2.650   1.00 56.80  ? 104 A   A OP1   1 
ATOM   65  O  OP2   . A   A 1 4 ? 7.593   -10.629 4.771   1.00 43.24  ? 104 A   A OP2   1 
ATOM   66  O  "O5'" . A   A 1 4 ? 5.652   -10.488 3.224   1.00 37.97  ? 104 A   A "O5'" 1 
ATOM   67  C  "C5'" . A   A 1 4 ? 4.684   -10.992 2.317   1.00 40.09  ? 104 A   A "C5'" 1 
ATOM   68  C  "C4'" . A   A 1 4 ? 3.576   -9.996  2.085   1.00 49.59  ? 104 A   A "C4'" 1 
ATOM   69  O  "O4'" . A   A 1 4 ? 2.841   -9.783  3.318   1.00 51.75  ? 104 A   A "O4'" 1 
ATOM   70  C  "C3'" . A   A 1 4 ? 4.013   -8.600  1.669   1.00 36.95  ? 104 A   A "C3'" 1 
ATOM   71  O  "O3'" . A   A 1 4 ? 4.303   -8.502  0.285   1.00 42.30  ? 104 A   A "O3'" 1 
ATOM   72  C  "C2'" . A   A 1 4 ? 2.838   -7.737  2.112   1.00 38.34  ? 104 A   A "C2'" 1 
ATOM   73  O  "O2'" . A   A 1 4 ? 1.767   -7.834  1.185   1.00 42.25  ? 104 A   A "O2'" 1 
ATOM   74  C  "C1'" . A   A 1 4 ? 2.423   -8.436  3.406   1.00 38.24  ? 104 A   A "C1'" 1 
ATOM   75  N  N9    . A   A 1 4 ? 3.057   -7.827  4.590   1.00 39.06  ? 104 A   A N9    1 
ATOM   76  C  C8    . A   A 1 4 ? 4.180   -8.258  5.251   1.00 44.75  ? 104 A   A C8    1 
ATOM   77  N  N7    . A   A 1 4 ? 4.510   -7.509  6.275   1.00 35.67  ? 104 A   A N7    1 
ATOM   78  C  C5    . A   A 1 4 ? 3.538   -6.519  6.291   1.00 40.82  ? 104 A   A C5    1 
ATOM   79  C  C6    . A   A 1 4 ? 3.326   -5.414  7.136   1.00 35.64  ? 104 A   A C6    1 
ATOM   80  N  N6    . A   A 1 4 ? 4.113   -5.112  8.171   1.00 32.38  ? 104 A   A N6    1 
ATOM   81  N  N1    . A   A 1 4 ? 2.263   -4.619  6.879   1.00 33.59  ? 104 A   A N1    1 
ATOM   82  C  C2    . A   A 1 4 ? 1.475   -4.922  5.839   1.00 42.96  ? 104 A   A C2    1 
ATOM   83  N  N3    . A   A 1 4 ? 1.572   -5.931  4.975   1.00 54.22  ? 104 A   A N3    1 
ATOM   84  C  C4    . A   A 1 4 ? 2.637   -6.702  5.258   1.00 34.86  ? 104 A   A C4    1 
ATOM   85  P  P     . DT  A 1 5 ? 5.464   -7.517  -0.228  1.00 44.78  ? 105 DT  A P     1 
ATOM   86  O  OP1   . DT  A 1 5 ? 5.699   -7.814  -1.659  1.00 49.69  ? 105 DT  A OP1   1 
ATOM   87  O  OP2   . DT  A 1 5 ? 6.587   -7.595  0.733   1.00 47.80  ? 105 DT  A OP2   1 
ATOM   88  O  "O5'" . DT  A 1 5 ? 4.813   -6.062  -0.104  1.00 46.05  ? 105 DT  A "O5'" 1 
ATOM   89  C  "C5'" . DT  A 1 5 ? 3.680   -5.725  -0.892  1.00 36.12  ? 105 DT  A "C5'" 1 
ATOM   90  C  "C4'" . DT  A 1 5 ? 3.061   -4.421  -0.423  1.00 35.46  ? 105 DT  A "C4'" 1 
ATOM   91  O  "O4'" . DT  A 1 5 ? 2.573   -4.572  0.934   1.00 36.34  ? 105 DT  A "O4'" 1 
ATOM   92  C  "C3'" . DT  A 1 5 ? 4.016   -3.246  -0.343  1.00 33.62  ? 105 DT  A "C3'" 1 
ATOM   93  O  "O3'" . DT  A 1 5 ? 4.185   -2.648  -1.619  1.00 34.00  ? 105 DT  A "O3'" 1 
ATOM   94  C  "C2'" . DT  A 1 5 ? 3.272   -2.329  0.619   1.00 34.10  ? 105 DT  A "C2'" 1 
ATOM   95  C  "C1'" . DT  A 1 5 ? 2.712   -3.337  1.624   1.00 37.10  ? 105 DT  A "C1'" 1 
ATOM   96  N  N1    . DT  A 1 5 ? 3.596   -3.534  2.814   1.00 38.43  ? 105 DT  A N1    1 
ATOM   97  C  C2    . DT  A 1 5 ? 3.477   -2.679  3.884   1.00 34.98  ? 105 DT  A C2    1 
ATOM   98  O  O2    . DT  A 1 5 ? 2.676   -1.764  3.920   1.00 38.83  ? 105 DT  A O2    1 
ATOM   99  N  N3    . DT  A 1 5 ? 4.333   -2.936  4.921   1.00 34.10  ? 105 DT  A N3    1 
ATOM   100 C  C4    . DT  A 1 5 ? 5.282   -3.940  4.992   1.00 36.56  ? 105 DT  A C4    1 
ATOM   101 O  O4    . DT  A 1 5 ? 6.006   -4.090  5.972   1.00 33.07  ? 105 DT  A O4    1 
ATOM   102 C  C5    . DT  A 1 5 ? 5.360   -4.801  3.835   1.00 39.26  ? 105 DT  A C5    1 
ATOM   103 C  C7    . DT  A 1 5 ? 6.351   -5.926  3.796   1.00 41.59  ? 105 DT  A C7    1 
ATOM   104 C  C6    . DT  A 1 5 ? 4.524   -4.558  2.813   1.00 34.26  ? 105 DT  A C6    1 
ATOM   105 P  P     . U   A 1 6 ? 5.550   -1.873  -1.967  1.00 44.92  ? 106 U   A P     1 
ATOM   106 O  OP1   . U   A 1 6 ? 5.524   -1.519  -3.410  1.00 50.84  ? 106 U   A OP1   1 
ATOM   107 O  OP2   . U   A 1 6 ? 6.682   -2.663  -1.420  1.00 42.01  ? 106 U   A OP2   1 
ATOM   108 O  "O5'" . U   A 1 6 ? 5.452   -0.524  -1.125  1.00 33.17  ? 106 U   A "O5'" 1 
ATOM   109 C  "C5'" . U   A 1 6 ? 4.443   0.433   -1.409  1.00 34.36  ? 106 U   A "C5'" 1 
ATOM   110 C  "C4'" . U   A 1 6 ? 4.310   1.451   -0.304  1.00 40.36  ? 106 U   A "C4'" 1 
ATOM   111 O  "O4'" . U   A 1 6 ? 3.929   0.796   0.935   1.00 37.11  ? 106 U   A "O4'" 1 
ATOM   112 C  "C3'" . U   A 1 6 ? 5.571   2.215   0.063   1.00 35.22  ? 106 U   A "C3'" 1 
ATOM   113 O  "O3'" . U   A 1 6 ? 5.864   3.271   -0.833  1.00 38.11  ? 106 U   A "O3'" 1 
ATOM   114 C  "C2'" . U   A 1 6 ? 5.269   2.682   1.480   1.00 44.74  ? 106 U   A "C2'" 1 
ATOM   115 O  "O2'" . U   A 1 6 ? 4.400   3.804   1.465   1.00 39.59  ? 106 U   A "O2'" 1 
ATOM   116 C  "C1'" . U   A 1 6 ? 4.500   1.481   2.033   1.00 33.17  ? 106 U   A "C1'" 1 
ATOM   117 N  N1    . U   A 1 6 ? 5.386   0.556   2.774   1.00 37.41  ? 106 U   A N1    1 
ATOM   118 C  C2    . U   A 1 6 ? 5.644   0.863   4.096   1.00 34.98  ? 106 U   A C2    1 
ATOM   119 O  O2    . U   A 1 6 ? 5.166   1.840   4.646   1.00 42.80  ? 106 U   A O2    1 
ATOM   120 N  N3    . U   A 1 6 ? 6.472   -0.014  4.752   1.00 31.84  ? 106 U   A N3    1 
ATOM   121 C  C4    . U   A 1 6 ? 7.061   -1.145  4.225   1.00 36.19  ? 106 U   A C4    1 
ATOM   122 O  O4    . U   A 1 6 ? 7.785   -1.837  4.940   1.00 39.45  ? 106 U   A O4    1 
ATOM   123 C  C5    . U   A 1 6 ? 6.749   -1.393  2.851   1.00 42.32  ? 106 U   A C5    1 
ATOM   124 C  C6    . U   A 1 6 ? 5.945   -0.556  2.188   1.00 32.96  ? 106 U   A C6    1 
ATOM   125 P  P     . C   A 1 7 ? 7.393   3.673   -1.121  1.00 41.42  ? 107 C   A P     1 
ATOM   126 O  OP1   . C   A 1 7 ? 7.402   4.667   -2.223  1.00 52.09  ? 107 C   A OP1   1 
ATOM   127 O  OP2   . C   A 1 7 ? 8.177   2.419   -1.250  1.00 40.15  ? 107 C   A OP2   1 
ATOM   128 O  "O5'" . C   A 1 7 ? 7.857   4.405   0.215   1.00 36.24  ? 107 C   A "O5'" 1 
ATOM   129 C  "C5'" . C   A 1 7 ? 7.226   5.601   0.645   1.00 44.88  ? 107 C   A "C5'" 1 
ATOM   130 C  "C4'" . C   A 1 7 ? 7.608   5.959   2.059   1.00 41.00  ? 107 C   A "C4'" 1 
ATOM   131 O  "O4'" . C   A 1 7 ? 7.177   4.914   2.969   1.00 38.62  ? 107 C   A "O4'" 1 
ATOM   132 C  "C3'" . C   A 1 7 ? 9.096   6.089   2.339   1.00 34.97  ? 107 C   A "C3'" 1 
ATOM   133 O  "O3'" . C   A 1 7 ? 9.641   7.325   1.915   1.00 42.34  ? 107 C   A "O3'" 1 
ATOM   134 C  "C2'" . C   A 1 7 ? 9.166   5.875   3.844   1.00 34.04  ? 107 C   A "C2'" 1 
ATOM   135 O  "O2'" . C   A 1 7 ? 8.767   7.047   4.539   1.00 36.45  ? 107 C   A "O2'" 1 
ATOM   136 C  "C1'" . C   A 1 7 ? 8.088   4.807   4.044   1.00 45.24  ? 107 C   A "C1'" 1 
ATOM   137 N  N1    . C   A 1 7 ? 8.659   3.441   4.058   1.00 32.59  ? 107 C   A N1    1 
ATOM   138 C  C2    . C   A 1 7 ? 9.270   2.988   5.232   1.00 44.06  ? 107 C   A C2    1 
ATOM   139 O  O2    . C   A 1 7 ? 9.309   3.738   6.220   1.00 35.57  ? 107 C   A O2    1 
ATOM   140 N  N3    . C   A 1 7 ? 9.799   1.744   5.261   1.00 36.26  ? 107 C   A N3    1 
ATOM   141 C  C4    . C   A 1 7 ? 9.737   0.967   4.179   1.00 32.46  ? 107 C   A C4    1 
ATOM   142 N  N4    . C   A 1 7 ? 10.274  -0.253  4.255   1.00 34.01  ? 107 C   A N4    1 
ATOM   143 C  C5    . C   A 1 7 ? 9.123   1.404   2.970   1.00 45.69  ? 107 C   A C5    1 
ATOM   144 C  C6    . C   A 1 7 ? 8.602   2.637   2.953   1.00 33.22  ? 107 C   A C6    1 
ATOM   145 P  P     . G   A 1 8 ? 11.170  7.398   1.429   1.00 44.30  ? 108 G   A P     1 
ATOM   146 O  OP1   . G   A 1 8 ? 11.424  8.769   0.917   1.00 42.78  ? 108 G   A OP1   1 
ATOM   147 O  OP2   . G   A 1 8 ? 11.431  6.226   0.553   1.00 50.11  ? 108 G   A OP2   1 
ATOM   148 O  "O5'" . G   A 1 8 ? 12.009  7.201   2.769   1.00 35.79  ? 108 G   A "O5'" 1 
ATOM   149 C  "C5'" . G   A 1 8 ? 11.937  8.154   3.818   1.00 35.35  ? 108 G   A "C5'" 1 
ATOM   150 C  "C4'" . G   A 1 8 ? 12.712  7.708   5.033   1.00 42.65  ? 108 G   A "C4'" 1 
ATOM   151 O  "O4'" . G   A 1 8 ? 12.127  6.501   5.585   1.00 46.27  ? 108 G   A "O4'" 1 
ATOM   152 C  "C3'" . G   A 1 8 ? 14.167  7.334   4.803   1.00 35.59  ? 108 G   A "C3'" 1 
ATOM   153 O  "O3'" . G   A 1 8 ? 15.019  8.462   4.718   1.00 40.88  ? 108 G   A "O3'" 1 
ATOM   154 C  "C2'" . G   A 1 8 ? 14.469  6.434   5.994   1.00 37.04  ? 108 G   A "C2'" 1 
ATOM   155 O  "O2'" . G   A 1 8 ? 14.711  7.207   7.160   1.00 33.02  ? 108 G   A "O2'" 1 
ATOM   156 C  "C1'" . G   A 1 8 ? 13.136  5.703   6.170   1.00 45.38  ? 108 G   A "C1'" 1 
ATOM   157 N  N9    . G   A 1 8 ? 13.138  4.377   5.525   1.00 41.45  ? 108 G   A N9    1 
ATOM   158 C  C8    . G   A 1 8 ? 12.603  4.034   4.305   1.00 43.35  ? 108 G   A C8    1 
ATOM   159 N  N7    . G   A 1 8 ? 12.772  2.772   4.013   1.00 45.62  ? 108 G   A N7    1 
ATOM   160 C  C5    . G   A 1 8 ? 13.459  2.251   5.102   1.00 37.74  ? 108 G   A C5    1 
ATOM   161 C  C6    . G   A 1 8 ? 13.922  0.932   5.359   1.00 34.63  ? 108 G   A C6    1 
ATOM   162 O  O6    . G   A 1 8 ? 13.815  -0.076  4.651   1.00 33.62  ? 108 G   A O6    1 
ATOM   163 N  N1    . G   A 1 8 ? 14.571  0.848   6.586   1.00 35.06  ? 108 G   A N1    1 
ATOM   164 C  C2    . G   A 1 8 ? 14.754  1.893   7.457   1.00 34.76  ? 108 G   A C2    1 
ATOM   165 N  N2    . G   A 1 8 ? 15.406  1.610   8.593   1.00 35.74  ? 108 G   A N2    1 
ATOM   166 N  N3    . G   A 1 8 ? 14.328  3.125   7.230   1.00 34.32  ? 108 G   A N3    1 
ATOM   167 C  C4    . G   A 1 8 ? 13.694  3.230   6.043   1.00 33.78  ? 108 G   A C4    1 
ATOM   168 O  "O5'" . C   B 1 1 ? 16.108  -7.152  12.691  1.00 55.41  ? 209 C   B "O5'" 1 
ATOM   169 C  "C5'" . C   B 1 1 ? 16.650  -6.630  11.488  1.00 41.13  ? 209 C   B "C5'" 1 
ATOM   170 C  "C4'" . C   B 1 1 ? 17.110  -5.205  11.662  1.00 44.85  ? 209 C   B "C4'" 1 
ATOM   171 O  "O4'" . C   B 1 1 ? 17.637  -4.707  10.404  1.00 45.37  ? 209 C   B "O4'" 1 
ATOM   172 C  "C3'" . C   B 1 1 ? 16.031  -4.201  12.035  1.00 37.52  ? 209 C   B "C3'" 1 
ATOM   173 O  "O3'" . C   B 1 1 ? 15.733  -4.198  13.420  1.00 38.58  ? 209 C   B "O3'" 1 
ATOM   174 C  "C2'" . C   B 1 1 ? 16.610  -2.887  11.532  1.00 37.36  ? 209 C   B "C2'" 1 
ATOM   175 O  "O2'" . C   B 1 1 ? 17.591  -2.396  12.433  1.00 43.51  ? 209 C   B "O2'" 1 
ATOM   176 C  "C1'" . C   B 1 1 ? 17.314  -3.340  10.252  1.00 41.73  ? 209 C   B "C1'" 1 
ATOM   177 N  N1    . C   B 1 1 ? 16.451  -3.191  9.058   1.00 39.86  ? 209 C   B N1    1 
ATOM   178 C  C2    . C   B 1 1 ? 16.289  -1.925  8.488   1.00 38.20  ? 209 C   B C2    1 
ATOM   179 O  O2    . C   B 1 1 ? 16.870  -0.954  8.998   1.00 41.55  ? 209 C   B O2    1 
ATOM   180 N  N3    . C   B 1 1 ? 15.503  -1.788  7.393   1.00 36.90  ? 209 C   B N3    1 
ATOM   181 C  C4    . C   B 1 1 ? 14.894  -2.855  6.870   1.00 34.49  ? 209 C   B C4    1 
ATOM   182 N  N4    . C   B 1 1 ? 14.128  -2.675  5.793   1.00 33.77  ? 209 C   B N4    1 
ATOM   183 C  C5    . C   B 1 1 ? 15.043  -4.156  7.430   1.00 44.70  ? 209 C   B C5    1 
ATOM   184 C  C6    . C   B 1 1 ? 15.824  -4.276  8.510   1.00 35.56  ? 209 C   B C6    1 
ATOM   185 P  P     . G   B 1 2 ? 14.213  -4.035  13.913  1.00 52.24  ? 210 G   B P     1 
ATOM   186 O  OP1   . G   B 1 2 ? 14.166  -4.333  15.367  1.00 56.31  ? 210 G   B OP1   1 
ATOM   187 O  OP2   . G   B 1 2 ? 13.347  -4.795  12.975  1.00 37.51  ? 210 G   B OP2   1 
ATOM   188 O  "O5'" . G   B 1 2 ? 13.907  -2.484  13.716  1.00 37.09  ? 210 G   B "O5'" 1 
ATOM   189 C  "C5'" . G   B 1 2 ? 14.591  -1.503  14.481  1.00 37.19  ? 210 G   B "C5'" 1 
ATOM   190 C  "C4'" . G   B 1 2 ? 14.222  -0.108  14.042  1.00 37.42  ? 210 G   B "C4'" 1 
ATOM   191 O  "O4'" . G   B 1 2 ? 14.714  0.131   12.698  1.00 56.16  ? 210 G   B "O4'" 1 
ATOM   192 C  "C3'" . G   B 1 2 ? 12.733  0.184   13.946  1.00 35.44  ? 210 G   B "C3'" 1 
ATOM   193 O  "O3'" . G   B 1 2 ? 12.147  0.489   15.199  1.00 32.80  ? 210 G   B "O3'" 1 
ATOM   194 C  "C2'" . G   B 1 2 ? 12.683  1.335   12.951  1.00 39.34  ? 210 G   B "C2'" 1 
ATOM   195 O  "O2'" . G   B 1 2 ? 13.038  2.558   13.581  1.00 37.60  ? 210 G   B "O2'" 1 
ATOM   196 C  "C1'" . G   B 1 2 ? 13.804  0.944   11.988  1.00 38.41  ? 210 G   B "C1'" 1 
ATOM   197 N  N9    . G   B 1 2 ? 13.299  0.179   10.832  1.00 34.57  ? 210 G   B N9    1 
ATOM   198 C  C8    . G   B 1 2 ? 13.445  -1.168  10.603  1.00 37.12  ? 210 G   B C8    1 
ATOM   199 N  N7    . G   B 1 2 ? 12.892  -1.562  9.488   1.00 34.21  ? 210 G   B N7    1 
ATOM   200 C  C5    . G   B 1 2 ? 12.347  -0.405  8.949   1.00 41.04  ? 210 G   B C5    1 
ATOM   201 C  C6    . G   B 1 2 ? 11.621  -0.205  7.747   1.00 35.94  ? 210 G   B C6    1 
ATOM   202 O  O6    . G   B 1 2 ? 11.305  -1.041  6.891   1.00 38.18  ? 210 G   B O6    1 
ATOM   203 N  N1    . G   B 1 2 ? 11.253  1.127   7.586   1.00 32.17  ? 210 G   B N1    1 
ATOM   204 C  C2    . G   B 1 2 ? 11.546  2.138   8.467   1.00 38.06  ? 210 G   B C2    1 
ATOM   205 N  N2    . G   B 1 2 ? 11.107  3.360   8.135   1.00 41.44  ? 210 G   B N2    1 
ATOM   206 N  N3    . G   B 1 2 ? 12.224  1.965   9.590   1.00 38.05  ? 210 G   B N3    1 
ATOM   207 C  C4    . G   B 1 2 ? 12.589  0.679   9.766   1.00 36.71  ? 210 G   B C4    1 
ATOM   208 P  P     . A   B 1 3 ? 10.623  0.077   15.495  1.00 43.30  ? 211 A   B P     1 
ATOM   209 O  OP1   . A   B 1 3 ? 10.342  0.372   16.924  1.00 41.79  ? 211 A   B OP1   1 
ATOM   210 O  OP2   . A   B 1 3 ? 10.407  -1.296  14.974  1.00 38.90  ? 211 A   B OP2   1 
ATOM   211 O  "O5'" . A   B 1 3 ? 9.771   1.086   14.603  1.00 44.29  ? 211 A   B "O5'" 1 
ATOM   212 C  "C5'" . A   B 1 3 ? 9.729   2.471   14.915  1.00 33.53  ? 211 A   B "C5'" 1 
ATOM   213 C  "C4'" . A   B 1 3 ? 8.916   3.248   13.910  1.00 38.71  ? 211 A   B "C4'" 1 
ATOM   214 O  "O4'" . A   B 1 3 ? 9.581   3.243   12.619  1.00 30.29  ? 211 A   B "O4'" 1 
ATOM   215 C  "C3'" . A   B 1 3 ? 7.527   2.712   13.606  1.00 32.71  ? 211 A   B "C3'" 1 
ATOM   216 O  "O3'" . A   B 1 3 ? 6.567   3.043   14.592  1.00 32.98  ? 211 A   B "O3'" 1 
ATOM   217 C  "C2'" . A   B 1 3 ? 7.240   3.319   12.239  1.00 43.56  ? 211 A   B "C2'" 1 
ATOM   218 O  "O2'" . A   B 1 3 ? 6.888   4.688   12.364  1.00 31.01  ? 211 A   B "O2'" 1 
ATOM   219 C  "C1'" . A   B 1 3 ? 8.619   3.236   11.584  1.00 34.58  ? 211 A   B "C1'" 1 
ATOM   220 N  N9    . A   B 1 3 ? 8.772   1.995   10.802  1.00 31.93  ? 211 A   B N9    1 
ATOM   221 C  C8    . A   B 1 3 ? 9.456   0.855   11.144  1.00 32.43  ? 211 A   B C8    1 
ATOM   222 N  N7    . A   B 1 3 ? 9.400   -0.086  10.232  1.00 36.41  ? 211 A   B N7    1 
ATOM   223 C  C5    . A   B 1 3 ? 8.625   0.471   9.224   1.00 32.06  ? 211 A   B C5    1 
ATOM   224 C  C6    . A   B 1 3 ? 8.195   -0.019  7.979   1.00 36.68  ? 211 A   B C6    1 
ATOM   225 N  N6    . A   B 1 3 ? 8.496   -1.235  7.516   1.00 31.84  ? 211 A   B N6    1 
ATOM   226 N  N1    . A   B 1 3 ? 7.433   0.792   7.214   1.00 33.70  ? 211 A   B N1    1 
ATOM   227 C  C2    . A   B 1 3 ? 7.129   2.012   7.676   1.00 33.94  ? 211 A   B C2    1 
ATOM   228 N  N3    . A   B 1 3 ? 7.475   2.585   8.826   1.00 36.37  ? 211 A   B N3    1 
ATOM   229 C  C4    . A   B 1 3 ? 8.231   1.752   9.563   1.00 31.30  ? 211 A   B C4    1 
ATOM   230 P  P     . A   B 1 4 ? 5.261   2.125   14.789  1.00 36.23  ? 212 A   B P     1 
ATOM   231 O  OP1   . A   B 1 4 ? 4.593   2.519   16.056  1.00 46.68  ? 212 A   B OP1   1 
ATOM   232 O  OP2   . A   B 1 4 ? 5.659   0.711   14.575  1.00 37.81  ? 212 A   B OP2   1 
ATOM   233 O  "O5'" . A   B 1 4 ? 4.308   2.544   13.583  1.00 36.97  ? 212 A   B "O5'" 1 
ATOM   234 C  "C5'" . A   B 1 4 ? 3.864   3.884   13.431  1.00 36.10  ? 212 A   B "C5'" 1 
ATOM   235 C  "C4'" . A   B 1 4 ? 3.193   4.086   12.096  1.00 34.92  ? 212 A   B "C4'" 1 
ATOM   236 O  "O4'" . A   B 1 4 ? 4.141   3.823   11.030  1.00 32.24  ? 212 A   B "O4'" 1 
ATOM   237 C  "C3'" . A   B 1 4 ? 2.027   3.156   11.797  1.00 34.10  ? 212 A   B "C3'" 1 
ATOM   238 O  "O3'" . A   B 1 4 ? 0.813   3.592   12.382  1.00 33.57  ? 212 A   B "O3'" 1 
ATOM   239 C  "C2'" . A   B 1 4 ? 2.001   3.130   10.275  1.00 40.02  ? 212 A   B "C2'" 1 
ATOM   240 O  "O2'" . A   B 1 4 ? 1.382   4.300   9.761   1.00 39.12  ? 212 A   B "O2'" 1 
ATOM   241 C  "C1'" . A   B 1 4 ? 3.492   3.190   9.949   1.00 35.49  ? 212 A   B "C1'" 1 
ATOM   242 N  N9    . A   B 1 4 ? 4.075   1.844   9.787   1.00 36.36  ? 212 A   B N9    1 
ATOM   243 C  C8    . A   B 1 4 ? 4.858   1.159   10.683  1.00 41.60  ? 212 A   B C8    1 
ATOM   244 N  N7    . A   B 1 4 ? 5.234   -0.023  10.260  1.00 43.10  ? 212 A   B N7    1 
ATOM   245 C  C5    . A   B 1 4 ? 4.661   -0.124  8.998   1.00 39.45  ? 212 A   B C5    1 
ATOM   246 C  C6    . A   B 1 4 ? 4.684   -1.139  8.027   1.00 38.10  ? 212 A   B C6    1 
ATOM   247 N  N6    . A   B 1 4 ? 5.333   -2.296  8.182   1.00 32.77  ? 212 A   B N6    1 
ATOM   248 N  N1    . A   B 1 4 ? 4.008   -0.925  6.877   1.00 39.81  ? 212 A   B N1    1 
ATOM   249 C  C2    . A   B 1 4 ? 3.357   0.236   6.723   1.00 38.61  ? 212 A   B C2    1 
ATOM   250 N  N3    . A   B 1 4 ? 3.262   1.266   7.562   1.00 36.11  ? 212 A   B N3    1 
ATOM   251 C  C4    . A   B 1 4 ? 3.945   1.020   8.694   1.00 32.63  ? 212 A   B C4    1 
ATOM   252 P  P     . DT  B 1 5 ? -0.197  2.529   13.039  1.00 38.44  ? 213 DT  B P     1 
ATOM   253 O  OP1   . DT  B 1 5 ? -1.227  3.298   13.773  1.00 45.90  ? 213 DT  B OP1   1 
ATOM   254 O  OP2   . DT  B 1 5 ? 0.603   1.509   13.752  1.00 42.11  ? 213 DT  B OP2   1 
ATOM   255 O  "O5'" . DT  B 1 5 ? -0.883  1.827   11.777  1.00 39.16  ? 213 DT  B "O5'" 1 
ATOM   256 C  "C5'" . DT  B 1 5 ? -1.581  2.616   10.826  1.00 40.89  ? 213 DT  B "C5'" 1 
ATOM   257 C  "C4'" . DT  B 1 5 ? -1.896  1.808   9.582   1.00 49.10  ? 213 DT  B "C4'" 1 
ATOM   258 O  "O4'" . DT  B 1 5 ? -0.667  1.490   8.881   1.00 37.44  ? 213 DT  B "O4'" 1 
ATOM   259 C  "C3'" . DT  B 1 5 ? -2.537  0.460   9.840   1.00 35.56  ? 213 DT  B "C3'" 1 
ATOM   260 O  "O3'" . DT  B 1 5 ? -3.933  0.605   10.028  1.00 48.46  ? 213 DT  B "O3'" 1 
ATOM   261 C  "C2'" . DT  B 1 5 ? -2.215  -0.275  8.546   1.00 36.17  ? 213 DT  B "C2'" 1 
ATOM   262 C  "C1'" . DT  B 1 5 ? -0.796  0.221   8.257   1.00 39.57  ? 213 DT  B "C1'" 1 
ATOM   263 N  N1    . DT  B 1 5 ? 0.270   -0.688  8.780   1.00 46.59  ? 213 DT  B N1    1 
ATOM   264 C  C2    . DT  B 1 5 ? 0.690   -1.741  8.003   1.00 41.71  ? 213 DT  B C2    1 
ATOM   265 O  O2    . DT  B 1 5 ? 0.239   -1.977  6.896   1.00 39.56  ? 213 DT  B O2    1 
ATOM   266 N  N3    . DT  B 1 5 ? 1.665   -2.516  8.568   1.00 33.30  ? 213 DT  B N3    1 
ATOM   267 C  C4    . DT  B 1 5 ? 2.251   -2.348  9.809   1.00 32.99  ? 213 DT  B C4    1 
ATOM   268 O  O4    . DT  B 1 5 ? 3.125   -3.101  10.229  1.00 35.96  ? 213 DT  B O4    1 
ATOM   269 C  C5    . DT  B 1 5 ? 1.764   -1.225  10.576  1.00 36.99  ? 213 DT  B C5    1 
ATOM   270 C  C7    . DT  B 1 5 ? 2.323   -0.942  11.938  1.00 46.09  ? 213 DT  B C7    1 
ATOM   271 C  C6    . DT  B 1 5 ? 0.808   -0.459  10.031  1.00 33.89  ? 213 DT  B C6    1 
ATOM   272 P  P     . U   B 1 6 ? -4.722  -0.431  10.970  1.00 46.15  ? 214 U   B P     1 
ATOM   273 O  OP1   . U   B 1 6 ? -6.087  0.106   11.198  1.00 52.51  ? 214 U   B OP1   1 
ATOM   274 O  OP2   . U   B 1 6 ? -3.854  -0.751  12.132  1.00 43.86  ? 214 U   B OP2   1 
ATOM   275 O  "O5'" . U   B 1 6 ? -4.846  -1.744  10.076  1.00 44.09  ? 214 U   B "O5'" 1 
ATOM   276 C  "C5'" . U   B 1 6 ? -5.610  -1.738  8.882   1.00 38.10  ? 214 U   B "C5'" 1 
ATOM   277 C  "C4'" . U   B 1 6 ? -5.325  -2.948  8.029   1.00 39.64  ? 214 U   B "C4'" 1 
ATOM   278 O  "O4'" . U   B 1 6 ? -3.946  -2.920  7.573   1.00 35.14  ? 214 U   B "O4'" 1 
ATOM   279 C  "C3'" . U   B 1 6 ? -5.454  -4.300  8.710   1.00 39.55  ? 214 U   B "C3'" 1 
ATOM   280 O  "O3'" . U   B 1 6 ? -6.795  -4.742  8.834   1.00 37.50  ? 214 U   B "O3'" 1 
ATOM   281 C  "C2'" . U   B 1 6 ? -4.594  -5.193  7.825   1.00 35.36  ? 214 U   B "C2'" 1 
ATOM   282 O  "O2'" . U   B 1 6 ? -5.289  -5.538  6.638   1.00 39.63  ? 214 U   B "O2'" 1 
ATOM   283 C  "C1'" . U   B 1 6 ? -3.454  -4.240  7.458   1.00 34.81  ? 214 U   B "C1'" 1 
ATOM   284 N  N1    . U   B 1 6 ? -2.289  -4.401  8.358   1.00 39.00  ? 214 U   B N1    1 
ATOM   285 C  C2    . U   B 1 6 ? -1.370  -5.379  8.028   1.00 42.07  ? 214 U   B C2    1 
ATOM   286 O  O2    . U   B 1 6 ? -1.487  -6.086  7.042   1.00 35.95  ? 214 U   B O2    1 
ATOM   287 N  N3    . U   B 1 6 ? -0.309  -5.495  8.891   1.00 36.56  ? 214 U   B N3    1 
ATOM   288 C  C4    . U   B 1 6 ? -0.082  -4.750  10.030  1.00 43.87  ? 214 U   B C4    1 
ATOM   289 O  O4    . U   B 1 6 ? 0.920   -4.972  10.711  1.00 49.61  ? 214 U   B O4    1 
ATOM   290 C  C5    . U   B 1 6 ? -1.078  -3.761  10.305  1.00 34.90  ? 214 U   B C5    1 
ATOM   291 C  C6    . U   B 1 6 ? -2.122  -3.626  9.482   1.00 34.58  ? 214 U   B C6    1 
ATOM   292 P  P     . C   B 1 7 ? -7.228  -5.648  10.089  1.00 41.71  ? 215 C   B P     1 
ATOM   293 O  OP1   . C   B 1 7 ? -8.707  -5.786  10.076  1.00 64.90  ? 215 C   B OP1   1 
ATOM   294 O  OP2   . C   B 1 7 ? -6.555  -5.109  11.298  1.00 35.68  ? 215 C   B OP2   1 
ATOM   295 O  "O5'" . C   B 1 7 ? -6.600  -7.075  9.771   1.00 36.83  ? 215 C   B "O5'" 1 
ATOM   296 C  "C5'" . C   B 1 7 ? -7.008  -7.811  8.627   1.00 45.11  ? 215 C   B "C5'" 1 
ATOM   297 C  "C4'" . C   B 1 7 ? -6.083  -8.972  8.354   1.00 38.11  ? 215 C   B "C4'" 1 
ATOM   298 O  "O4'" . C   B 1 7 ? -4.743  -8.483  8.076   1.00 54.17  ? 215 C   B "O4'" 1 
ATOM   299 C  "C3'" . C   B 1 7 ? -5.883  -9.953  9.497   1.00 40.09  ? 215 C   B "C3'" 1 
ATOM   300 O  "O3'" . C   B 1 7 ? -6.943  -10.883 9.631   1.00 50.73  ? 215 C   B "O3'" 1 
ATOM   301 C  "C2'" . C   B 1 7 ? -4.547  -10.593 9.150   1.00 39.75  ? 215 C   B "C2'" 1 
ATOM   302 O  "O2'" . C   B 1 7 ? -4.707  -11.566 8.128   1.00 47.55  ? 215 C   B "O2'" 1 
ATOM   303 C  "C1'" . C   B 1 7 ? -3.787  -9.402  8.566   1.00 45.59  ? 215 C   B "C1'" 1 
ATOM   304 N  N1    . C   B 1 7 ? -2.952  -8.725  9.585   1.00 35.22  ? 215 C   B N1    1 
ATOM   305 C  C2    . C   B 1 7 ? -1.712  -9.279  9.916   1.00 39.54  ? 215 C   B C2    1 
ATOM   306 O  O2    . C   B 1 7 ? -1.344  -10.316 9.345   1.00 38.71  ? 215 C   B O2    1 
ATOM   307 N  N3    . C   B 1 7 ? -0.942  -8.672  10.849  1.00 39.74  ? 215 C   B N3    1 
ATOM   308 C  C4    . C   B 1 7 ? -1.368  -7.558  11.444  1.00 46.19  ? 215 C   B C4    1 
ATOM   309 N  N4    . C   B 1 7 ? -0.577  -6.993  12.358  1.00 42.84  ? 215 C   B N4    1 
ATOM   310 C  C5    . C   B 1 7 ? -2.628  -6.972  11.129  1.00 43.62  ? 215 C   B C5    1 
ATOM   311 C  C6    . C   B 1 7 ? -3.378  -7.583  10.204  1.00 34.56  ? 215 C   B C6    1 
ATOM   312 P  P     . G   B 1 8 ? -7.321  -11.471 11.078  1.00 50.83  ? 216 G   B P     1 
ATOM   313 O  OP1   . G   B 1 8 ? -8.549  -12.294 10.937  1.00 61.74  ? 216 G   B OP1   1 
ATOM   314 O  OP2   . G   B 1 8 ? -7.303  -10.350 12.051  1.00 40.52  ? 216 G   B OP2   1 
ATOM   315 O  "O5'" . G   B 1 8 ? -6.112  -12.452 11.424  1.00 50.02  ? 216 G   B "O5'" 1 
ATOM   316 C  "C5'" . G   B 1 8 ? -5.881  -13.620 10.650  1.00 44.39  ? 216 G   B "C5'" 1 
ATOM   317 C  "C4'" . G   B 1 8 ? -4.578  -14.287 11.015  1.00 43.98  ? 216 G   B "C4'" 1 
ATOM   318 O  "O4'" . G   B 1 8 ? -3.473  -13.373 10.794  1.00 39.12  ? 216 G   B "O4'" 1 
ATOM   319 C  "C3'" . G   B 1 8 ? -4.420  -14.706 12.468  1.00 49.85  ? 216 G   B "C3'" 1 
ATOM   320 O  "O3'" . G   B 1 8 ? -5.081  -15.923 12.767  1.00 53.31  ? 216 G   B "O3'" 1 
ATOM   321 C  "C2'" . G   B 1 8 ? -2.907  -14.777 12.627  1.00 44.34  ? 216 G   B "C2'" 1 
ATOM   322 O  "O2'" . G   B 1 8 ? -2.399  -15.983 12.074  1.00 56.50  ? 216 G   B "O2'" 1 
ATOM   323 C  "C1'" . G   B 1 8 ? -2.454  -13.614 11.742  1.00 39.11  ? 216 G   B "C1'" 1 
ATOM   324 N  N9    . G   B 1 8 ? -2.221  -12.383 12.522  1.00 35.05  ? 216 G   B N9    1 
ATOM   325 C  C8    . G   B 1 8 ? -3.039  -11.284 12.616  1.00 44.76  ? 216 G   B C8    1 
ATOM   326 N  N7    . G   B 1 8 ? -2.554  -10.348 13.387  1.00 41.68  ? 216 G   B N7    1 
ATOM   327 C  C5    . G   B 1 8 ? -1.341  -10.859 13.827  1.00 34.88  ? 216 G   B C5    1 
ATOM   328 C  C6    . G   B 1 8 ? -0.362  -10.298 14.689  1.00 40.79  ? 216 G   B C6    1 
ATOM   329 O  O6    . G   B 1 8 ? -0.371  -9.199  15.256  1.00 33.74  ? 216 G   B O6    1 
ATOM   330 N  N1    . G   B 1 8 ? 0.715   -11.158 14.870  1.00 35.34  ? 216 G   B N1    1 
ATOM   331 C  C2    . G   B 1 8 ? 0.838   -12.400 14.298  1.00 36.95  ? 216 G   B C2    1 
ATOM   332 N  N2    . G   B 1 8 ? 1.955   -13.079 14.596  1.00 47.44  ? 216 G   B N2    1 
ATOM   333 N  N3    . G   B 1 8 ? -0.065  -12.934 13.493  1.00 35.51  ? 216 G   B N3    1 
ATOM   334 C  C4    . G   B 1 8 ? -1.122  -12.115 13.302  1.00 43.32  ? 216 G   B C4    1 
ATOM   335 O  "O5'" . C   C 1 1 ? -9.181  10.424  -0.966  1.00 53.83  ? 101 C   C "O5'" 1 
ATOM   336 C  "C5'" . C   C 1 1 ? -8.817  11.188  0.173   1.00 48.61  ? 101 C   C "C5'" 1 
ATOM   337 C  "C4'" . C   C 1 1 ? -8.282  10.312  1.279   1.00 46.25  ? 101 C   C "C4'" 1 
ATOM   338 O  "O4'" . C   C 1 1 ? -9.328  9.422   1.749   1.00 42.73  ? 101 C   C "O4'" 1 
ATOM   339 C  "C3'" . C   C 1 1 ? -7.148  9.376   0.895   1.00 54.12  ? 101 C   C "C3'" 1 
ATOM   340 O  "O3'" . C   C 1 1 ? -5.884  10.016  0.871   1.00 50.64  ? 101 C   C "O3'" 1 
ATOM   341 C  "C2'" . C   C 1 1 ? -7.256  8.276   1.941   1.00 46.22  ? 101 C   C "C2'" 1 
ATOM   342 O  "O2'" . C   C 1 1 ? -6.687  8.696   3.174   1.00 56.08  ? 101 C   C "O2'" 1 
ATOM   343 C  "C1'" . C   C 1 1 ? -8.772  8.176   2.118   1.00 42.96  ? 101 C   C "C1'" 1 
ATOM   344 N  N1    . C   C 1 1 ? -9.365  7.122   1.264   1.00 37.08  ? 101 C   C N1    1 
ATOM   345 C  C2    . C   C 1 1 ? -9.275  5.786   1.673   1.00 36.51  ? 101 C   C C2    1 
ATOM   346 O  O2    . C   C 1 1 ? -8.701  5.518   2.738   1.00 36.50  ? 101 C   C O2    1 
ATOM   347 N  N3    . C   C 1 1 ? -9.815  4.819   0.895   1.00 43.74  ? 101 C   C N3    1 
ATOM   348 C  C4    . C   C 1 1 ? -10.427 5.142   -0.245  1.00 36.40  ? 101 C   C C4    1 
ATOM   349 N  N4    . C   C 1 1 ? -10.945 4.153   -0.978  1.00 41.60  ? 101 C   C N4    1 
ATOM   350 C  C5    . C   C 1 1 ? -10.536 6.493   -0.686  1.00 36.49  ? 101 C   C C5    1 
ATOM   351 C  C6    . C   C 1 1 ? -9.997  7.439   0.093   1.00 39.23  ? 101 C   C C6    1 
ATOM   352 P  P     . G   C 1 2 ? -4.759  9.535   -0.171  1.00 58.46  ? 102 G   C P     1 
ATOM   353 O  OP1   . G   C 1 2 ? -3.641  10.511  -0.120  1.00 64.85  ? 102 G   C OP1   1 
ATOM   354 O  OP2   . G   C 1 2 ? -5.422  9.245   -1.468  1.00 43.06  ? 102 G   C OP2   1 
ATOM   355 O  "O5'" . G   C 1 2 ? -4.238  8.158   0.437   1.00 43.78  ? 102 G   C "O5'" 1 
ATOM   356 C  "C5'" . G   C 1 2 ? -3.521  8.123   1.662   1.00 43.58  ? 102 G   C "C5'" 1 
ATOM   357 C  "C4'" . G   C 1 2 ? -3.150  6.711   2.036   1.00 52.91  ? 102 G   C "C4'" 1 
ATOM   358 O  "O4'" . G   C 1 2 ? -4.350  5.954   2.340   1.00 62.34  ? 102 G   C "O4'" 1 
ATOM   359 C  "C3'" . G   C 1 2 ? -2.463  5.900   0.948   1.00 43.28  ? 102 G   C "C3'" 1 
ATOM   360 O  "O3'" . G   C 1 2 ? -1.073  6.159   0.862   1.00 39.71  ? 102 G   C "O3'" 1 
ATOM   361 C  "C2'" . G   C 1 2 ? -2.794  4.465   1.338   1.00 38.40  ? 102 G   C "C2'" 1 
ATOM   362 O  "O2'" . G   C 1 2 ? -1.950  4.024   2.391   1.00 38.34  ? 102 G   C "O2'" 1 
ATOM   363 C  "C1'" . G   C 1 2 ? -4.212  4.625   1.890   1.00 43.35  ? 102 G   C "C1'" 1 
ATOM   364 N  N9    . G   C 1 2 ? -5.243  4.374   0.865   1.00 37.84  ? 102 G   C N9    1 
ATOM   365 C  C8    . G   C 1 2 ? -6.037  5.315   0.255   1.00 36.80  ? 102 G   C C8    1 
ATOM   366 N  N7    . G   C 1 2 ? -6.867  4.806   -0.613  1.00 37.02  ? 102 G   C N7    1 
ATOM   367 C  C5    . G   C 1 2 ? -6.611  3.442   -0.573  1.00 41.25  ? 102 G   C C5    1 
ATOM   368 C  C6    . G   C 1 2 ? -7.203  2.374   -1.298  1.00 39.75  ? 102 G   C C6    1 
ATOM   369 O  O6    . G   C 1 2 ? -8.102  2.422   -2.146  1.00 41.35  ? 102 G   C O6    1 
ATOM   370 N  N1    . G   C 1 2 ? -6.642  1.150   -0.950  1.00 39.00  ? 102 G   C N1    1 
ATOM   371 C  C2    . G   C 1 2 ? -5.642  0.973   -0.025  1.00 34.04  ? 102 G   C C2    1 
ATOM   372 N  N2    . G   C 1 2 ? -5.236  -0.289  0.171   1.00 33.57  ? 102 G   C N2    1 
ATOM   373 N  N3    . G   C 1 2 ? -5.083  1.958   0.656   1.00 42.63  ? 102 G   C N3    1 
ATOM   374 C  C4    . G   C 1 2 ? -5.611  3.158   0.336   1.00 38.07  ? 102 G   C C4    1 
ATOM   375 P  P     . A   C 1 3 ? -0.336  6.148   -0.566  1.00 46.21  ? 103 A   C P     1 
ATOM   376 O  OP1   . A   C 1 3 ? 1.044   6.661   -0.373  1.00 47.64  ? 103 A   C OP1   1 
ATOM   377 O  OP2   . A   C 1 3 ? -1.229  6.806   -1.554  1.00 40.38  ? 103 A   C OP2   1 
ATOM   378 O  "O5'" . A   C 1 3 ? -0.242  4.601   -0.937  1.00 36.44  ? 103 A   C "O5'" 1 
ATOM   379 C  "C5'" . A   C 1 3 ? 0.528   3.710   -0.144  1.00 46.74  ? 103 A   C "C5'" 1 
ATOM   380 C  "C4'" . A   C 1 3 ? 0.329   2.276   -0.567  1.00 44.90  ? 103 A   C "C4'" 1 
ATOM   381 O  "O4'" . A   C 1 3 ? -1.029  1.854   -0.274  1.00 43.31  ? 103 A   C "O4'" 1 
ATOM   382 C  "C3'" . A   C 1 3 ? 0.487   1.987   -2.050  1.00 35.47  ? 103 A   C "C3'" 1 
ATOM   383 O  "O3'" . A   C 1 3 ? 1.839   1.884   -2.460  1.00 35.83  ? 103 A   C "O3'" 1 
ATOM   384 C  "C2'" . A   C 1 3 ? -0.306  0.698   -2.216  1.00 34.71  ? 103 A   C "C2'" 1 
ATOM   385 O  "O2'" . A   C 1 3 ? 0.436   -0.412  -1.735  1.00 33.05  ? 103 A   C "O2'" 1 
ATOM   386 C  "C1'" . A   C 1 3 ? -1.473  0.946   -1.262  1.00 38.65  ? 103 A   C "C1'" 1 
ATOM   387 N  N9    . A   C 1 3 ? -2.630  1.537   -1.959  1.00 41.75  ? 103 A   C N9    1 
ATOM   388 C  C8    . A   C 1 3 ? -3.047  2.845   -1.940  1.00 38.45  ? 103 A   C C8    1 
ATOM   389 N  N7    . A   C 1 3 ? -4.112  3.069   -2.671  1.00 38.97  ? 103 A   C N7    1 
ATOM   390 C  C5    . A   C 1 3 ? -4.414  1.827   -3.210  1.00 34.88  ? 103 A   C C5    1 
ATOM   391 C  C6    . A   C 1 3 ? -5.434  1.393   -4.075  1.00 34.31  ? 103 A   C C6    1 
ATOM   392 N  N6    . A   C 1 3 ? -6.377  2.201   -4.567  1.00 40.16  ? 103 A   C N6    1 
ATOM   393 N  N1    . A   C 1 3 ? -5.453  0.088   -4.422  1.00 31.04  ? 103 A   C N1    1 
ATOM   394 C  C2    . A   C 1 3 ? -4.506  -0.719  -3.928  1.00 31.57  ? 103 A   C C2    1 
ATOM   395 N  N3    . A   C 1 3 ? -3.498  -0.430  -3.107  1.00 33.58  ? 103 A   C N3    1 
ATOM   396 C  C4    . A   C 1 3 ? -3.508  0.874   -2.782  1.00 36.25  ? 103 A   C C4    1 
ATOM   397 P  P     . A   C 1 4 ? 2.259   2.276   -3.962  1.00 35.25  ? 104 A   C P     1 
ATOM   398 O  OP1   . A   C 1 4 ? 3.739   2.365   -4.026  1.00 36.09  ? 104 A   C OP1   1 
ATOM   399 O  OP2   . A   C 1 4 ? 1.436   3.439   -4.379  1.00 35.95  ? 104 A   C OP2   1 
ATOM   400 O  "O5'" . A   C 1 4 ? 1.798   1.023   -4.829  1.00 32.94  ? 104 A   C "O5'" 1 
ATOM   401 C  "C5'" . A   C 1 4 ? 2.266   -0.285  -4.533  1.00 43.95  ? 104 A   C "C5'" 1 
ATOM   402 C  "C4'" . A   C 1 4 ? 1.515   -1.325  -5.325  1.00 31.48  ? 104 A   C "C4'" 1 
ATOM   403 O  "O4'" . A   C 1 4 ? 0.125   -1.348  -4.909  1.00 37.72  ? 104 A   C "O4'" 1 
ATOM   404 C  "C3'" . A   C 1 4 ? 1.454   -1.089  -6.826  1.00 31.62  ? 104 A   C "C3'" 1 
ATOM   405 O  "O3'" . A   C 1 4 ? 2.622   -1.530  -7.498  1.00 31.40  ? 104 A   C "O3'" 1 
ATOM   406 C  "C2'" . A   C 1 4 ? 0.191   -1.838  -7.233  1.00 43.58  ? 104 A   C "C2'" 1 
ATOM   407 O  "O2'" . A   C 1 4 ? 0.441   -3.232  -7.327  1.00 31.44  ? 104 A   C "O2'" 1 
ATOM   408 C  "C1'" . A   C 1 4 ? -0.710  -1.589  -6.024  1.00 32.05  ? 104 A   C "C1'" 1 
ATOM   409 N  N9    . A   C 1 4 ? -1.582  -0.415  -6.210  1.00 38.04  ? 104 A   C N9    1 
ATOM   410 C  C8    . A   C 1 4 ? -1.399  0.848   -5.704  1.00 40.79  ? 104 A   C C8    1 
ATOM   411 N  N7    . A   C 1 4 ? -2.345  1.694   -6.032  1.00 35.13  ? 104 A   C N7    1 
ATOM   412 C  C5    . A   C 1 4 ? -3.214  0.938   -6.806  1.00 31.29  ? 104 A   C C5    1 
ATOM   413 C  C6    . A   C 1 4 ? -4.419  1.254   -7.457  1.00 30.64  ? 104 A   C C6    1 
ATOM   414 N  N6    . A   C 1 4 ? -4.978  2.466   -7.431  1.00 30.65  ? 104 A   C N6    1 
ATOM   415 N  N1    . A   C 1 4 ? -5.037  0.271   -8.145  1.00 30.92  ? 104 A   C N1    1 
ATOM   416 C  C2    . A   C 1 4 ? -4.476  -0.945  -8.171  1.00 44.01  ? 104 A   C C2    1 
ATOM   417 N  N3    . A   C 1 4 ? -3.350  -1.365  -7.600  1.00 39.84  ? 104 A   C N3    1 
ATOM   418 C  C4    . A   C 1 4 ? -2.758  -0.364  -6.923  1.00 36.34  ? 104 A   C C4    1 
ATOM   419 P  P     . DT  C 1 5 ? 3.219   -0.678  -8.722  1.00 37.40  ? 105 DT  C P     1 
ATOM   420 O  OP1   . DT  C 1 5 ? 4.555   -1.233  -9.032  1.00 37.31  ? 105 DT  C OP1   1 
ATOM   421 O  OP2   . DT  C 1 5 ? 3.083   0.758   -8.393  1.00 39.36  ? 105 DT  C OP2   1 
ATOM   422 O  "O5'" . DT  C 1 5 ? 2.227   -1.006  -9.933  1.00 36.75  ? 105 DT  C "O5'" 1 
ATOM   423 C  "C5'" . DT  C 1 5 ? 2.107   -2.340  -10.404 1.00 31.54  ? 105 DT  C "C5'" 1 
ATOM   424 C  "C4'" . DT  C 1 5 ? 0.921   -2.482  -11.341 1.00 36.15  ? 105 DT  C "C4'" 1 
ATOM   425 O  "O4'" . DT  C 1 5 ? -0.312  -2.256  -10.612 1.00 45.13  ? 105 DT  C "O4'" 1 
ATOM   426 C  "C3'" . DT  C 1 5 ? 0.864   -1.475  -12.472 1.00 36.48  ? 105 DT  C "C3'" 1 
ATOM   427 O  "O3'" . DT  C 1 5 ? 1.711   -1.871  -13.541 1.00 30.87  ? 105 DT  C "O3'" 1 
ATOM   428 C  "C2'" . DT  C 1 5 ? -0.607  -1.555  -12.856 1.00 32.05  ? 105 DT  C "C2'" 1 
ATOM   429 C  "C1'" . DT  C 1 5 ? -1.269  -1.664  -11.482 1.00 33.37  ? 105 DT  C "C1'" 1 
ATOM   430 N  N1    . DT  C 1 5 ? -1.686  -0.341  -10.923 1.00 37.97  ? 105 DT  C N1    1 
ATOM   431 C  C2    . DT  C 1 5 ? -2.915  0.173   -11.271 1.00 42.65  ? 105 DT  C C2    1 
ATOM   432 O  O2    . DT  C 1 5 ? -3.693  -0.400  -12.012 1.00 45.27  ? 105 DT  C O2    1 
ATOM   433 N  N3    . DT  C 1 5 ? -3.205  1.390   -10.715 1.00 32.59  ? 105 DT  C N3    1 
ATOM   434 C  C4    . DT  C 1 5 ? -2.404  2.132   -9.865  1.00 41.77  ? 105 DT  C C4    1 
ATOM   435 O  O4    . DT  C 1 5 ? -2.755  3.220   -9.416  1.00 30.86  ? 105 DT  C O4    1 
ATOM   436 C  C5    . DT  C 1 5 ? -1.127  1.538   -9.543  1.00 33.93  ? 105 DT  C C5    1 
ATOM   437 C  C7    . DT  C 1 5 ? -0.172  2.251   -8.634  1.00 39.16  ? 105 DT  C C7    1 
ATOM   438 C  C6    . DT  C 1 5 ? -0.832  0.346   -10.081 1.00 30.42  ? 105 DT  C C6    1 
ATOM   439 P  P     . U   C 1 6 ? 2.291   -0.760  -14.548 1.00 37.80  ? 106 U   C P     1 
ATOM   440 O  OP1   . U   C 1 6 ? 3.298   -1.409  -15.425 1.00 41.72  ? 106 U   C OP1   1 
ATOM   441 O  OP2   . U   C 1 6 ? 2.665   0.437   -13.752 1.00 32.07  ? 106 U   C OP2   1 
ATOM   442 O  "O5'" . U   C 1 6 ? 1.038   -0.367  -15.449 1.00 32.15  ? 106 U   C "O5'" 1 
ATOM   443 C  "C5'" . U   C 1 6 ? 0.412   -1.333  -16.279 1.00 33.16  ? 106 U   C "C5'" 1 
ATOM   444 C  "C4'" . U   C 1 6 ? -0.909  -0.838  -16.808 1.00 43.86  ? 106 U   C "C4'" 1 
ATOM   445 O  "O4'" . U   C 1 6 ? -1.841  -0.639  -15.713 1.00 36.70  ? 106 U   C "O4'" 1 
ATOM   446 C  "C3'" . U   C 1 6 ? -0.884  0.507   -17.514 1.00 33.80  ? 106 U   C "C3'" 1 
ATOM   447 O  "O3'" . U   C 1 6 ? -0.416  0.427   -18.847 1.00 35.10  ? 106 U   C "O3'" 1 
ATOM   448 C  "C2'" . U   C 1 6 ? -2.330  0.966   -17.394 1.00 51.74  ? 106 U   C "C2'" 1 
ATOM   449 O  "O2'" . U   C 1 6 ? -3.148  0.302   -18.346 1.00 39.69  ? 106 U   C "O2'" 1 
ATOM   450 C  "C1'" . U   C 1 6 ? -2.694  0.450   -16.001 1.00 32.72  ? 106 U   C "C1'" 1 
ATOM   451 N  N1    . U   C 1 6 ? -2.515  1.487   -14.959 1.00 40.33  ? 106 U   C N1    1 
ATOM   452 C  C2    . U   C 1 6 ? -3.548  2.387   -14.780 1.00 43.99  ? 106 U   C C2    1 
ATOM   453 O  O2    . U   C 1 6 ? -4.575  2.352   -15.437 1.00 38.64  ? 106 U   C O2    1 
ATOM   454 N  N3    . U   C 1 6 ? -3.336  3.328   -13.803 1.00 39.18  ? 106 U   C N3    1 
ATOM   455 C  C4    . U   C 1 6 ? -2.218  3.457   -13.005 1.00 40.62  ? 106 U   C C4    1 
ATOM   456 O  O4    . U   C 1 6 ? -2.175  4.359   -12.168 1.00 42.39  ? 106 U   C O4    1 
ATOM   457 C  C5    . U   C 1 6 ? -1.192  2.490   -13.251 1.00 38.45  ? 106 U   C C5    1 
ATOM   458 C  C6    . U   C 1 6 ? -1.373  1.561   -14.196 1.00 32.61  ? 106 U   C C6    1 
ATOM   459 P  P     . C   C 1 7 ? 0.440   1.636   -19.470 1.00 41.72  ? 107 C   C P     1 
ATOM   460 O  OP1   . C   C 1 7 ? 1.062   1.165   -20.735 1.00 54.74  ? 107 C   C OP1   1 
ATOM   461 O  OP2   . C   C 1 7 ? 1.297   2.190   -18.392 1.00 38.26  ? 107 C   C OP2   1 
ATOM   462 O  "O5'" . C   C 1 7 ? -0.657  2.728   -19.836 1.00 38.53  ? 107 C   C "O5'" 1 
ATOM   463 C  "C5'" . C   C 1 7 ? -1.773  2.390   -20.647 1.00 41.89  ? 107 C   C "C5'" 1 
ATOM   464 C  "C4'" . C   C 1 7 ? -2.846  3.446   -20.577 1.00 50.49  ? 107 C   C "C4'" 1 
ATOM   465 O  "O4'" . C   C 1 7 ? -3.428  3.480   -19.249 1.00 37.36  ? 107 C   C "O4'" 1 
ATOM   466 C  "C3'" . C   C 1 7 ? -2.387  4.873   -20.812 1.00 45.01  ? 107 C   C "C3'" 1 
ATOM   467 O  "O3'" . C   C 1 7 ? -2.216  5.180   -22.182 1.00 53.39  ? 107 C   C "O3'" 1 
ATOM   468 C  "C2'" . C   C 1 7 ? -3.478  5.688   -20.128 1.00 40.69  ? 107 C   C "C2'" 1 
ATOM   469 O  "O2'" . C   C 1 7 ? -4.631  5.773   -20.952 1.00 51.96  ? 107 C   C "O2'" 1 
ATOM   470 C  "C1'" . C   C 1 7 ? -3.808  4.802   -18.925 1.00 39.33  ? 107 C   C "C1'" 1 
ATOM   471 N  N1    . C   C 1 7 ? -3.083  5.225   -17.705 1.00 40.73  ? 107 C   C N1    1 
ATOM   472 C  C2    . C   C 1 7 ? -3.626  6.254   -16.929 1.00 36.13  ? 107 C   C C2    1 
ATOM   473 O  O2    . C   C 1 7 ? -4.693  6.775   -17.286 1.00 36.13  ? 107 C   C O2    1 
ATOM   474 N  N3    . C   C 1 7 ? -2.978  6.654   -15.811 1.00 42.81  ? 107 C   C N3    1 
ATOM   475 C  C4    . C   C 1 7 ? -1.832  6.070   -15.457 1.00 37.71  ? 107 C   C C4    1 
ATOM   476 N  N4    . C   C 1 7 ? -1.226  6.497   -14.347 1.00 35.56  ? 107 C   C N4    1 
ATOM   477 C  C5    . C   C 1 7 ? -1.254  5.020   -16.228 1.00 41.33  ? 107 C   C C5    1 
ATOM   478 C  C6    . C   C 1 7 ? -1.907  4.635   -17.331 1.00 45.18  ? 107 C   C C6    1 
ATOM   479 P  P     . G   C 1 8 ? -1.309  6.432   -22.616 1.00 54.74  ? 108 G   C P     1 
ATOM   480 O  OP1   . G   C 1 8 ? -1.021  6.313   -24.068 1.00 45.12  ? 108 G   C OP1   1 
ATOM   481 O  OP2   . G   C 1 8 ? -0.187  6.542   -21.649 1.00 45.81  ? 108 G   C OP2   1 
ATOM   482 O  "O5'" . G   C 1 8 ? -2.271  7.681   -22.401 1.00 52.31  ? 108 G   C "O5'" 1 
ATOM   483 C  "C5'" . G   C 1 8 ? -1.757  9.002   -22.367 1.00 59.78  ? 108 G   C "C5'" 1 
ATOM   484 C  "C4'" . G   C 1 8 ? -2.688  9.931   -21.632 1.00 59.13  ? 108 G   C "C4'" 1 
ATOM   485 O  "O4'" . G   C 1 8 ? -3.120  9.315   -20.392 1.00 42.97  ? 108 G   C "O4'" 1 
ATOM   486 C  "C3'" . G   C 1 8 ? -2.086  11.258  -21.200 1.00 52.34  ? 108 G   C "C3'" 1 
ATOM   487 O  "O3'" . G   C 1 8 ? -2.067  12.214  -22.245 1.00 64.59  ? 108 G   C "O3'" 1 
ATOM   488 C  "C2'" . G   C 1 8 ? -2.963  11.656  -20.020 1.00 47.25  ? 108 G   C "C2'" 1 
ATOM   489 O  "O2'" . G   C 1 8 ? -4.194  12.201  -20.473 1.00 47.75  ? 108 G   C "O2'" 1 
ATOM   490 C  "C1'" . G   C 1 8 ? -3.246  10.295  -19.383 1.00 44.33  ? 108 G   C "C1'" 1 
ATOM   491 N  N9    . G   C 1 8 ? -2.294  9.972   -18.303 1.00 41.87  ? 108 G   C N9    1 
ATOM   492 C  C8    . G   C 1 8 ? -1.427  8.907   -18.276 1.00 46.26  ? 108 G   C C8    1 
ATOM   493 N  N7    . G   C 1 8 ? -0.704  8.859   -17.192 1.00 44.53  ? 108 G   C N7    1 
ATOM   494 C  C5    . G   C 1 8 ? -1.122  9.956   -16.454 1.00 42.84  ? 108 G   C C5    1 
ATOM   495 C  C6    . G   C 1 8 ? -0.692  10.418  -15.185 1.00 37.56  ? 108 G   C C6    1 
ATOM   496 O  O6    . G   C 1 8 ? 0.168   9.934   -14.441 1.00 36.40  ? 108 G   C O6    1 
ATOM   497 N  N1    . G   C 1 8 ? -1.373  11.569  -14.802 1.00 37.81  ? 108 G   C N1    1 
ATOM   498 C  C2    . G   C 1 8 ? -2.343  12.195  -15.545 1.00 39.68  ? 108 G   C C2    1 
ATOM   499 N  N2    . G   C 1 8 ? -2.884  13.295  -15.003 1.00 52.73  ? 108 G   C N2    1 
ATOM   500 N  N3    . G   C 1 8 ? -2.753  11.773  -16.730 1.00 44.01  ? 108 G   C N3    1 
ATOM   501 C  C4    . G   C 1 8 ? -2.105  10.655  -17.123 1.00 39.13  ? 108 G   C C4    1 
ATOM   502 O  "O5'" . C   D 1 1 ? -1.140  14.416  -6.717  1.00 59.32  ? 209 C   D "O5'" 1 
ATOM   503 C  "C5'" . C   D 1 1 ? -1.551  15.770  -6.825  1.00 52.77  ? 209 C   D "C5'" 1 
ATOM   504 C  "C4'" . C   D 1 1 ? -2.032  16.092  -8.216  1.00 51.15  ? 209 C   D "C4'" 1 
ATOM   505 O  "O4'" . C   D 1 1 ? -0.957  15.885  -9.171  1.00 55.69  ? 209 C   D "O4'" 1 
ATOM   506 C  "C3'" . C   D 1 1 ? -3.159  15.222  -8.743  1.00 52.38  ? 209 C   D "C3'" 1 
ATOM   507 O  "O3'" . C   D 1 1 ? -4.432  15.602  -8.253  1.00 64.36  ? 209 C   D "O3'" 1 
ATOM   508 C  "C2'" . C   D 1 1 ? -3.008  15.365  -10.252 1.00 49.90  ? 209 C   D "C2'" 1 
ATOM   509 O  "O2'" . C   D 1 1 ? -3.535  16.606  -10.694 1.00 51.32  ? 209 C   D "O2'" 1 
ATOM   510 C  "C1'" . C   D 1 1 ? -1.484  15.408  -10.393 1.00 53.20  ? 209 C   D "C1'" 1 
ATOM   511 N  N1    . C   D 1 1 ? -0.917  14.067  -10.664 1.00 40.99  ? 209 C   D N1    1 
ATOM   512 C  C2    . C   D 1 1 ? -0.939  13.573  -11.974 1.00 43.22  ? 209 C   D C2    1 
ATOM   513 O  O2    . C   D 1 1 ? -1.427  14.274  -12.874 1.00 52.34  ? 209 C   D O2    1 
ATOM   514 N  N3    . C   D 1 1 ? -0.428  12.347  -12.230 1.00 50.44  ? 209 C   D N3    1 
ATOM   515 C  C4    . C   D 1 1 ? 0.088   11.619  -11.240 1.00 39.92  ? 209 C   D C4    1 
ATOM   516 N  N4    . C   D 1 1 ? 0.582   10.417  -11.541 1.00 37.33  ? 209 C   D N4    1 
ATOM   517 C  C5    . C   D 1 1 ? 0.124   12.093  -9.897  1.00 42.76  ? 209 C   D C5    1 
ATOM   518 C  C6    . C   D 1 1 ? -0.385  13.308  -9.656  1.00 41.85  ? 209 C   D C6    1 
ATOM   519 P  P     . G   D 1 2 ? -5.520  14.476  -7.900  1.00 65.48  ? 210 G   D P     1 
ATOM   520 O  OP1   . G   D 1 2 ? -6.563  15.099  -7.045  1.00 79.13  ? 210 G   D OP1   1 
ATOM   521 O  OP2   . G   D 1 2 ? -4.799  13.270  -7.417  1.00 45.71  ? 210 G   D OP2   1 
ATOM   522 O  "O5'" . G   D 1 2 ? -6.176  14.129  -9.308  1.00 49.13  ? 210 G   D "O5'" 1 
ATOM   523 C  "C5'" . G   D 1 2 ? -6.771  15.145  -10.100 1.00 45.31  ? 210 G   D "C5'" 1 
ATOM   524 C  "C4'" . G   D 1 2 ? -7.132  14.636  -11.472 1.00 47.98  ? 210 G   D "C4'" 1 
ATOM   525 O  "O4'" . G   D 1 2 ? -5.929  14.428  -12.254 1.00 50.97  ? 210 G   D "O4'" 1 
ATOM   526 C  "C3'" . G   D 1 2 ? -7.838  13.291  -11.519 1.00 42.78  ? 210 G   D "C3'" 1 
ATOM   527 O  "O3'" . G   D 1 2 ? -9.224  13.381  -11.241 1.00 43.14  ? 210 G   D "O3'" 1 
ATOM   528 C  "C2'" . G   D 1 2 ? -7.526  12.806  -12.927 1.00 42.65  ? 210 G   D "C2'" 1 
ATOM   529 O  "O2'" . G   D 1 2 ? -8.352  13.460  -13.878 1.00 43.29  ? 210 G   D "O2'" 1 
ATOM   530 C  "C1'" . G   D 1 2 ? -6.094  13.312  -13.103 1.00 46.99  ? 210 G   D "C1'" 1 
ATOM   531 N  N9    . G   D 1 2 ? -5.103  12.289  -12.725 1.00 39.49  ? 210 G   D N9    1 
ATOM   532 C  C8    . G   D 1 2 ? -4.373  12.229  -11.564 1.00 40.23  ? 210 G   D C8    1 
ATOM   533 N  N7    . G   D 1 2 ? -3.573  11.199  -11.514 1.00 39.20  ? 210 G   D N7    1 
ATOM   534 C  C5    . G   D 1 2 ? -3.791  10.539  -12.716 1.00 41.53  ? 210 G   D C5    1 
ATOM   535 C  C6    . G   D 1 2 ? -3.210  9.352   -13.233 1.00 37.06  ? 210 G   D C6    1 
ATOM   536 O  O6    . G   D 1 2 ? -2.357  8.622   -12.714 1.00 40.70  ? 210 G   D O6    1 
ATOM   537 N  N1    . G   D 1 2 ? -3.720  9.038   -14.489 1.00 40.10  ? 210 G   D N1    1 
ATOM   538 C  C2    . G   D 1 2 ? -4.667  9.769   -15.163 1.00 41.61  ? 210 G   D C2    1 
ATOM   539 N  N2    . G   D 1 2 ? -5.030  9.304   -16.368 1.00 43.22  ? 210 G   D N2    1 
ATOM   540 N  N3    . G   D 1 2 ? -5.216  10.878  -14.694 1.00 45.16  ? 210 G   D N3    1 
ATOM   541 C  C4    . G   D 1 2 ? -4.735  11.198  -13.474 1.00 44.34  ? 210 G   D C4    1 
ATOM   542 P  P     . A   D 1 3 ? -9.976  12.168  -10.504 1.00 43.53  ? 211 A   D P     1 
ATOM   543 O  OP1   . A   D 1 3 ? -11.346 12.626  -10.161 1.00 42.64  ? 211 A   D OP1   1 
ATOM   544 O  OP2   . A   D 1 3 ? -9.087  11.652  -9.431  1.00 40.93  ? 211 A   D OP2   1 
ATOM   545 O  "O5'" . A   D 1 3 ? -10.093 11.051  -11.633 1.00 38.47  ? 211 A   D "O5'" 1 
ATOM   546 C  "C5'" . A   D 1 3 ? -10.846 11.288  -12.813 1.00 48.77  ? 211 A   D "C5'" 1 
ATOM   547 C  "C4'" . A   D 1 3 ? -10.740 10.137  -13.781 1.00 49.06  ? 211 A   D "C4'" 1 
ATOM   548 O  "O4'" . A   D 1 3 ? -9.399  10.073  -14.335 1.00 36.10  ? 211 A   D "O4'" 1 
ATOM   549 C  "C3'" . A   D 1 3 ? -10.958 8.749   -13.200 1.00 38.88  ? 211 A   D "C3'" 1 
ATOM   550 O  "O3'" . A   D 1 3 ? -12.325 8.426   -13.013 1.00 37.75  ? 211 A   D "O3'" 1 
ATOM   551 C  "C2'" . A   D 1 3 ? -10.246 7.858   -14.208 1.00 35.49  ? 211 A   D "C2'" 1 
ATOM   552 O  "O2'" . A   D 1 3 ? -11.036 7.690   -15.375 1.00 41.35  ? 211 A   D "O2'" 1 
ATOM   553 C  "C1'" . A   D 1 3 ? -9.039  8.725   -14.564 1.00 35.46  ? 211 A   D "C1'" 1 
ATOM   554 N  N9    . A   D 1 3 ? -7.877  8.398   -13.718 1.00 36.53  ? 211 A   D N9    1 
ATOM   555 C  C8    . A   D 1 3 ? -7.416  9.066   -12.611 1.00 37.02  ? 211 A   D C8    1 
ATOM   556 N  N7    . A   D 1 3 ? -6.358  8.518   -12.066 1.00 42.83  ? 211 A   D N7    1 
ATOM   557 C  C5    . A   D 1 3 ? -6.108  7.410   -12.866 1.00 38.96  ? 211 A   D C5    1 
ATOM   558 C  C6    . A   D 1 3 ? -5.120  6.410   -12.820 1.00 35.25  ? 211 A   D C6    1 
ATOM   559 N  N6    . A   D 1 3 ? -4.158  6.360   -11.897 1.00 38.16  ? 211 A   D N6    1 
ATOM   560 N  N1    . A   D 1 3 ? -5.157  5.448   -13.769 1.00 34.14  ? 211 A   D N1    1 
ATOM   561 C  C2    . A   D 1 3 ? -6.121  5.495   -14.696 1.00 34.64  ? 211 A   D C2    1 
ATOM   562 N  N3    . A   D 1 3 ? -7.102  6.383   -14.844 1.00 42.06  ? 211 A   D N3    1 
ATOM   563 C  C4    . A   D 1 3 ? -7.038  7.323   -13.885 1.00 41.78  ? 211 A   D C4    1 
ATOM   564 P  P     . A   D 1 4 ? -12.756 7.414   -11.841 1.00 44.31  ? 212 A   D P     1 
ATOM   565 O  OP1   . A   D 1 4 ? -14.230 7.491   -11.676 1.00 49.12  ? 212 A   D OP1   1 
ATOM   566 O  OP2   . A   D 1 4 ? -11.876 7.660   -10.670 1.00 41.17  ? 212 A   D OP2   1 
ATOM   567 O  "O5'" . A   D 1 4 ? -12.393 5.978   -12.424 1.00 35.78  ? 212 A   D "O5'" 1 
ATOM   568 C  "C5'" . A   D 1 4 ? -12.960 5.523   -13.644 1.00 38.65  ? 212 A   D "C5'" 1 
ATOM   569 C  "C4'" . A   D 1 4 ? -12.305 4.251   -14.117 1.00 35.33  ? 212 A   D "C4'" 1 
ATOM   570 O  "O4'" . A   D 1 4 ? -10.910 4.501   -14.426 1.00 37.59  ? 212 A   D "O4'" 1 
ATOM   571 C  "C3'" . A   D 1 4 ? -12.262 3.111   -13.113 1.00 40.84  ? 212 A   D "C3'" 1 
ATOM   572 O  "O3'" . A   D 1 4 ? -13.481 2.393   -13.041 1.00 42.99  ? 212 A   D "O3'" 1 
ATOM   573 C  "C2'" . A   D 1 4 ? -11.087 2.277   -13.608 1.00 34.87  ? 212 A   D "C2'" 1 
ATOM   574 O  "O2'" . A   D 1 4 ? -11.470 1.478   -14.718 1.00 47.91  ? 212 A   D "O2'" 1 
ATOM   575 C  "C1'" . A   D 1 4 ? -10.134 3.365   -14.102 1.00 34.33  ? 212 A   D "C1'" 1 
ATOM   576 N  N9    . A   D 1 4 ? -9.149  3.749   -13.073 1.00 37.38  ? 212 A   D N9    1 
ATOM   577 C  C8    . A   D 1 4 ? -9.186  4.837   -12.236 1.00 46.86  ? 212 A   D C8    1 
ATOM   578 N  N7    . A   D 1 4 ? -8.161  4.913   -11.421 1.00 40.81  ? 212 A   D N7    1 
ATOM   579 C  C5    . A   D 1 4 ? -7.397  3.799   -11.743 1.00 33.59  ? 212 A   D C5    1 
ATOM   580 C  C6    . A   D 1 4 ? -6.179  3.308   -11.235 1.00 39.80  ? 212 A   D C6    1 
ATOM   581 N  N6    . A   D 1 4 ? -5.491  3.901   -10.258 1.00 32.08  ? 212 A   D N6    1 
ATOM   582 N  N1    . A   D 1 4 ? -5.687  2.171   -11.774 1.00 33.59  ? 212 A   D N1    1 
ATOM   583 C  C2    . A   D 1 4 ? -6.377  1.576   -12.755 1.00 32.88  ? 212 A   D C2    1 
ATOM   584 N  N3    . A   D 1 4 ? -7.530  1.941   -13.315 1.00 40.88  ? 212 A   D N3    1 
ATOM   585 C  C4    . A   D 1 4 ? -7.993  3.073   -12.758 1.00 32.54  ? 212 A   D C4    1 
ATOM   586 P  P     . DT  D 1 5 ? -14.003 1.822   -11.631 1.00 41.27  ? 213 DT  D P     1 
ATOM   587 O  OP1   . DT  D 1 5 ? -15.412 1.407   -11.813 1.00 56.70  ? 213 DT  D OP1   1 
ATOM   588 O  OP2   . DT  D 1 5 ? -13.658 2.811   -10.584 1.00 39.52  ? 213 DT  D OP2   1 
ATOM   589 O  "O5'" . DT  D 1 5 ? -13.109 0.518   -11.398 1.00 47.70  ? 213 DT  D "O5'" 1 
ATOM   590 C  "C5'" . DT  D 1 5 ? -13.138 -0.534  -12.349 1.00 41.07  ? 213 DT  D "C5'" 1 
ATOM   591 C  "C4'" . DT  D 1 5 ? -11.992 -1.500  -12.121 1.00 42.44  ? 213 DT  D "C4'" 1 
ATOM   592 O  "O4'" . DT  D 1 5 ? -10.730 -0.828  -12.360 1.00 56.62  ? 213 DT  D "O4'" 1 
ATOM   593 C  "C3'" . DT  D 1 5 ? -11.869 -2.030  -10.708 1.00 35.14  ? 213 DT  D "C3'" 1 
ATOM   594 O  "O3'" . DT  D 1 5 ? -12.754 -3.124  -10.512 1.00 42.68  ? 213 DT  D "O3'" 1 
ATOM   595 C  "C2'" . DT  D 1 5 ? -10.411 -2.472  -10.681 1.00 44.13  ? 213 DT  D "C2'" 1 
ATOM   596 C  "C1'" . DT  D 1 5 ? -9.739  -1.362  -11.493 1.00 37.96  ? 213 DT  D "C1'" 1 
ATOM   597 N  N1    . DT  D 1 5 ? -9.191  -0.261  -10.650 1.00 41.36  ? 213 DT  D N1    1 
ATOM   598 C  C2    . DT  D 1 5 ? -7.922  -0.380  -10.133 1.00 42.28  ? 213 DT  D C2    1 
ATOM   599 O  O2    . DT  D 1 5 ? -7.209  -1.346  -10.335 1.00 36.10  ? 213 DT  D O2    1 
ATOM   600 N  N3    . DT  D 1 5 ? -7.513  0.679   -9.369  1.00 31.46  ? 213 DT  D N3    1 
ATOM   601 C  C4    . DT  D 1 5 ? -8.230  1.824   -9.075  1.00 34.09  ? 213 DT  D C4    1 
ATOM   602 O  O4    . DT  D 1 5 ? -7.773  2.724   -8.377  1.00 34.51  ? 213 DT  D O4    1 
ATOM   603 C  C5    . DT  D 1 5 ? -9.555  1.887   -9.646  1.00 42.32  ? 213 DT  D C5    1 
ATOM   604 C  C7    . DT  D 1 5 ? -10.430 3.079   -9.395  1.00 42.23  ? 213 DT  D C7    1 
ATOM   605 C  C6    . DT  D 1 5 ? -9.967  0.854   -10.396 1.00 39.76  ? 213 DT  D C6    1 
ATOM   606 P  P     . U   D 1 6 ? -13.312 -3.448  -9.041  1.00 42.63  ? 214 U   D P     1 
ATOM   607 O  OP1   . U   D 1 6 ? -14.335 -4.519  -9.162  1.00 42.92  ? 214 U   D OP1   1 
ATOM   608 O  OP2   . U   D 1 6 ? -13.665 -2.164  -8.383  1.00 38.84  ? 214 U   D OP2   1 
ATOM   609 O  "O5'" . U   D 1 6 ? -12.052 -4.059  -8.282  1.00 37.11  ? 214 U   D "O5'" 1 
ATOM   610 C  "C5'" . U   D 1 6 ? -11.473 -5.281  -8.713  1.00 36.46  ? 214 U   D "C5'" 1 
ATOM   611 C  "C4'" . U   D 1 6 ? -10.125 -5.516  -8.080  1.00 40.20  ? 214 U   D "C4'" 1 
ATOM   612 O  "O4'" . U   D 1 6 ? -9.193  -4.481  -8.487  1.00 30.83  ? 214 U   D "O4'" 1 
ATOM   613 C  "C3'" . U   D 1 6 ? -10.074 -5.476  -6.562  1.00 31.62  ? 214 U   D "C3'" 1 
ATOM   614 O  "O3'" . U   D 1 6 ? -10.528 -6.677  -5.961  1.00 36.72  ? 214 U   D "O3'" 1 
ATOM   615 C  "C2'" . U   D 1 6 ? -8.605  -5.180  -6.294  1.00 44.43  ? 214 U   D "C2'" 1 
ATOM   616 O  "O2'" . U   D 1 6 ? -7.824  -6.356  -6.448  1.00 35.37  ? 214 U   D "O2'" 1 
ATOM   617 C  "C1'" . U   D 1 6 ? -8.273  -4.228  -7.445  1.00 33.84  ? 214 U   D "C1'" 1 
ATOM   618 N  N1    . U   D 1 6 ? -8.379  -2.805  -7.042  1.00 32.23  ? 214 U   D N1    1 
ATOM   619 C  C2    . U   D 1 6 ? -7.277  -2.234  -6.432  1.00 36.56  ? 214 U   D C2    1 
ATOM   620 O  O2    . U   D 1 6 ? -6.243  -2.845  -6.222  1.00 32.81  ? 214 U   D O2    1 
ATOM   621 N  N3    . U   D 1 6 ? -7.426  -0.917  -6.078  1.00 30.57  ? 214 U   D N3    1 
ATOM   622 C  C4    . U   D 1 6 ? -8.542  -0.126  -6.264  1.00 31.54  ? 214 U   D C4    1 
ATOM   623 O  O4    . U   D 1 6 ? -8.520  1.047   -5.887  1.00 30.66  ? 214 U   D O4    1 
ATOM   624 C  C5    . U   D 1 6 ? -9.640  -0.788  -6.900  1.00 32.33  ? 214 U   D C5    1 
ATOM   625 C  C6    . U   D 1 6 ? -9.524  -2.072  -7.257  1.00 31.74  ? 214 U   D C6    1 
ATOM   626 P  P     . C   D 1 7 ? -11.310 -6.633  -4.557  1.00 40.14  ? 215 C   D P     1 
ATOM   627 O  OP1   . C   D 1 7 ? -11.878 -7.981  -4.303  1.00 41.77  ? 215 C   D OP1   1 
ATOM   628 O  OP2   . C   D 1 7 ? -12.205 -5.449  -4.568  1.00 38.88  ? 215 C   D OP2   1 
ATOM   629 O  "O5'" . C   D 1 7 ? -10.158 -6.379  -3.484  1.00 39.43  ? 215 C   D "O5'" 1 
ATOM   630 C  "C5'" . C   D 1 7 ? -9.089  -7.302  -3.334  1.00 34.80  ? 215 C   D "C5'" 1 
ATOM   631 C  "C4'" . C   D 1 7 ? -7.940  -6.702  -2.564  1.00 42.59  ? 215 C   D "C4'" 1 
ATOM   632 O  "O4'" . C   D 1 7 ? -7.398  -5.566  -3.290  1.00 37.10  ? 215 C   D "O4'" 1 
ATOM   633 C  "C3'" . C   D 1 7 ? -8.276  -6.131  -1.196  1.00 41.12  ? 215 C   D "C3'" 1 
ATOM   634 O  "O3'" . C   D 1 7 ? -8.378  -7.120  -0.190  1.00 39.96  ? 215 C   D "O3'" 1 
ATOM   635 C  "C2'" . C   D 1 7 ? -7.145  -5.137  -0.968  1.00 32.42  ? 215 C   D "C2'" 1 
ATOM   636 O  "O2'" . C   D 1 7 ? -5.957  -5.809  -0.575  1.00 40.72  ? 215 C   D "O2'" 1 
ATOM   637 C  "C1'" . C   D 1 7 ? -6.943  -4.586  -2.380  1.00 39.42  ? 215 C   D "C1'" 1 
ATOM   638 N  N1    . C   D 1 7 ? -7.705  -3.335  -2.602  1.00 31.64  ? 215 C   D N1    1 
ATOM   639 C  C2    . C   D 1 7 ? -7.169  -2.130  -2.137  1.00 33.74  ? 215 C   D C2    1 
ATOM   640 O  O2    . C   D 1 7 ? -6.073  -2.143  -1.556  1.00 34.07  ? 215 C   D O2    1 
ATOM   641 N  N3    . C   D 1 7 ? -7.857  -0.979  -2.333  1.00 31.01  ? 215 C   D N3    1 
ATOM   642 C  C4    . C   D 1 7 ? -9.033  -1.005  -2.963  1.00 32.07  ? 215 C   D C4    1 
ATOM   643 N  N4    . C   D 1 7 ? -9.678  0.150   -3.135  1.00 34.43  ? 215 C   D N4    1 
ATOM   644 C  C5    . C   D 1 7 ? -9.602  -2.219  -3.445  1.00 39.80  ? 215 C   D C5    1 
ATOM   645 C  C6    . C   D 1 7 ? -8.912  -3.347  -3.246  1.00 37.68  ? 215 C   D C6    1 
ATOM   646 P  P     . G   D 1 8 ? -9.396  -6.913  1.034   1.00 44.58  ? 216 G   D P     1 
ATOM   647 O  OP1   . G   D 1 8 ? -9.403  -8.162  1.837   1.00 55.18  ? 216 G   D OP1   1 
ATOM   648 O  OP2   . G   D 1 8 ? -10.673 -6.384  0.490   1.00 47.32  ? 216 G   D OP2   1 
ATOM   649 O  "O5'" . G   D 1 8 ? -8.716  -5.766  1.908   1.00 48.23  ? 216 G   D "O5'" 1 
ATOM   650 C  "C5'" . G   D 1 8 ? -7.471  -5.987  2.551   1.00 47.09  ? 216 G   D "C5'" 1 
ATOM   651 C  "C4'" . G   D 1 8 ? -6.932  -4.723  3.176   1.00 39.98  ? 216 G   D "C4'" 1 
ATOM   652 O  "O4'" . G   D 1 8 ? -6.686  -3.727  2.150   1.00 39.00  ? 216 G   D "O4'" 1 
ATOM   653 C  "C3'" . G   D 1 8 ? -7.848  -4.016  4.161   1.00 45.99  ? 216 G   D "C3'" 1 
ATOM   654 O  "O3'" . G   D 1 8 ? -7.835  -4.606  5.448   1.00 49.23  ? 216 G   D "O3'" 1 
ATOM   655 C  "C2'" . G   D 1 8 ? -7.317  -2.589  4.141   1.00 38.73  ? 216 G   D "C2'" 1 
ATOM   656 O  "O2'" . G   D 1 8 ? -6.148  -2.481  4.940   1.00 43.59  ? 216 G   D "O2'" 1 
ATOM   657 C  "C1'" . G   D 1 8 ? -6.914  -2.434  2.673   1.00 36.02  ? 216 G   D "C1'" 1 
ATOM   658 N  N9    . G   D 1 8 ? -7.961  -1.770  1.874   1.00 43.72  ? 216 G   D N9    1 
ATOM   659 C  C8    . G   D 1 8 ? -8.864  -2.360  1.023   1.00 45.56  ? 216 G   D C8    1 
ATOM   660 N  N7    . G   D 1 8 ? -9.669  -1.503  0.455   1.00 40.12  ? 216 G   D N7    1 
ATOM   661 C  C5    . G   D 1 8 ? -9.274  -0.272  0.960   1.00 41.97  ? 216 G   D C5    1 
ATOM   662 C  C6    . G   D 1 8 ? -9.776  1.033   0.710   1.00 33.16  ? 216 G   D C6    1 
ATOM   663 O  O6    . G   D 1 8 ? -10.703 1.374   -0.034  1.00 32.77  ? 216 G   D O6    1 
ATOM   664 N  N1    . G   D 1 8 ? -9.081  1.996   1.433   1.00 34.32  ? 216 G   D N1    1 
ATOM   665 C  C2    . G   D 1 8 ? -8.038  1.742   2.289   1.00 36.92  ? 216 G   D C2    1 
ATOM   666 N  N2    . G   D 1 8 ? -7.497  2.810   2.895   1.00 38.37  ? 216 G   D N2    1 
ATOM   667 N  N3    . G   D 1 8 ? -7.560  0.533   2.531   1.00 33.82  ? 216 G   D N3    1 
ATOM   668 C  C4    . G   D 1 8 ? -8.220  -0.420  1.838   1.00 36.56  ? 216 G   D C4    1 
HETATM 669 CO CO    . NCO E 2 . ? 5.365   -0.660  18.690  1.00 81.08  ? 301 NCO B CO    1 
HETATM 670 N  N1    . NCO E 2 . ? 6.409   -0.645  17.006  1.00 45.60  ? 301 NCO B N1    1 
HETATM 671 N  N2    . NCO E 2 . ? 4.319   -0.673  20.371  1.00 55.17  ? 301 NCO B N2    1 
HETATM 672 N  N3    . NCO E 2 . ? 3.715   -1.049  17.665  1.00 59.85  ? 301 NCO B N3    1 
HETATM 673 N  N4    . NCO E 2 . ? 5.026   1.282   18.495  1.00 50.70  ? 301 NCO B N4    1 
HETATM 674 N  N5    . NCO E 2 . ? 7.014   -0.274  19.714  1.00 69.21  ? 301 NCO B N5    1 
HETATM 675 N  N6    . NCO E 2 . ? 5.704   -2.601  18.879  1.00 66.14  ? 301 NCO B N6    1 
HETATM 676 CO CO    . NCO F 2 . ? 4.205   5.075   -22.465 1.00 100.87 ? 201 NCO C CO    1 
HETATM 677 N  N1    . NCO F 2 . ? 4.364   5.928   -24.245 1.00 73.35  ? 201 NCO C N1    1 
HETATM 678 N  N2    . NCO F 2 . ? 4.042   4.216   -20.689 1.00 68.55  ? 201 NCO C N2    1 
HETATM 679 N  N3    . NCO F 2 . ? 2.523   4.198   -23.034 1.00 68.11  ? 201 NCO C N3    1 
HETATM 680 N  N4    . NCO F 2 . ? 3.173   6.630   -21.804 1.00 80.22  ? 201 NCO C N4    1 
HETATM 681 N  N5    . NCO F 2 . ? 5.887   5.954   -21.898 1.00 56.90  ? 201 NCO C N5    1 
HETATM 682 N  N6    . NCO F 2 . ? 5.246   3.525   -23.126 1.00 60.96  ? 201 NCO C N6    1 
HETATM 683 O  O     . HOH G 3 . ? -0.058  -5.900  3.043   1.00 47.49  ? 201 HOH A O     1 
HETATM 684 O  O     . HOH G 3 . ? 15.541  5.412   8.960   1.00 51.88  ? 202 HOH A O     1 
HETATM 685 O  O     . HOH G 3 . ? 7.591   -4.267  0.588   1.00 36.71  ? 203 HOH A O     1 
HETATM 686 O  O     . HOH G 3 . ? 6.315   -7.463  10.207  1.00 45.91  ? 204 HOH A O     1 
HETATM 687 O  O     . HOH G 3 . ? 9.512   10.537  2.107   1.00 55.46  ? 205 HOH A O     1 
HETATM 688 O  O     . HOH G 3 . ? 8.592   -0.576  -0.904  1.00 43.24  ? 206 HOH A O     1 
HETATM 689 O  O     . HOH G 3 . ? 0.588   -14.497 8.778   1.00 60.84  ? 207 HOH A O     1 
HETATM 690 O  O     . HOH G 3 . ? 3.035   -5.408  16.865  1.00 48.58  ? 208 HOH A O     1 
HETATM 691 O  O     . HOH G 3 . ? 8.346   -8.404  11.901  1.00 50.30  ? 209 HOH A O     1 
HETATM 692 O  O     . HOH G 3 . ? 4.182   -3.833  -4.716  1.00 43.86  ? 210 HOH A O     1 
HETATM 693 O  O     . HOH G 3 . ? 6.950   -7.793  14.407  1.00 57.82  ? 211 HOH A O     1 
HETATM 694 O  O     . HOH G 3 . ? 6.256   -6.187  18.372  1.00 60.73  ? 212 HOH A O     1 
HETATM 695 O  O     . HOH G 3 . ? 0.573   1.400   3.786   1.00 60.56  ? 213 HOH A O     1 
HETATM 696 O  O     . HOH G 3 . ? 10.304  -7.267  10.255  1.00 47.88  ? 214 HOH A O     1 
HETATM 697 O  O     . HOH H 3 . ? 6.316   6.365   10.643  1.00 35.12  ? 401 HOH B O     1 
HETATM 698 O  O     . HOH H 3 . ? -1.432  -1.041  12.772  1.00 32.88  ? 402 HOH B O     1 
HETATM 699 O  O     . HOH H 3 . ? 11.055  -3.552  6.330   1.00 55.65  ? 403 HOH B O     1 
HETATM 700 O  O     . HOH H 3 . ? -3.708  -6.806  5.000   1.00 49.92  ? 404 HOH B O     1 
HETATM 701 O  O     . HOH H 3 . ? 8.459   1.556   18.516  1.00 37.92  ? 405 HOH B O     1 
HETATM 702 O  O     . HOH H 3 . ? 12.617  -4.296  9.784   1.00 53.60  ? 406 HOH B O     1 
HETATM 703 O  O     . HOH H 3 . ? 7.944   -1.890  13.863  1.00 48.35  ? 407 HOH B O     1 
HETATM 704 O  O     . HOH H 3 . ? 0.261   -16.584 13.003  1.00 40.99  ? 408 HOH B O     1 
HETATM 705 O  O     . HOH H 3 . ? -6.189  -11.353 14.591  1.00 44.55  ? 409 HOH B O     1 
HETATM 706 O  O     . HOH H 3 . ? 15.562  -6.872  16.029  1.00 47.83  ? 410 HOH B O     1 
HETATM 707 O  O     . HOH H 3 . ? -2.008  -12.818 7.587   1.00 55.04  ? 411 HOH B O     1 
HETATM 708 O  O     . HOH H 3 . ? 1.089   2.992   6.315   1.00 55.89  ? 412 HOH B O     1 
HETATM 709 O  O     . HOH H 3 . ? -5.262  3.387   10.301  1.00 52.19  ? 413 HOH B O     1 
HETATM 710 O  O     . HOH H 3 . ? 3.366   6.890   10.281  1.00 44.00  ? 414 HOH B O     1 
HETATM 711 O  O     . HOH H 3 . ? 11.463  5.719   10.536  1.00 40.98  ? 415 HOH B O     1 
HETATM 712 O  O     . HOH H 3 . ? 16.394  -6.017  18.074  1.00 40.43  ? 416 HOH B O     1 
HETATM 713 O  O     . HOH H 3 . ? 9.338   -5.619  12.258  1.00 51.54  ? 417 HOH B O     1 
HETATM 714 O  O     . HOH H 3 . ? -11.195 -9.679  13.762  1.00 50.00  ? 418 HOH B O     1 
HETATM 715 O  O     . HOH I 3 . ? 5.193   4.586   -26.081 1.00 44.26  ? 301 HOH C O     1 
HETATM 716 O  O     . HOH I 3 . ? -11.952 4.990   -3.147  1.00 49.21  ? 302 HOH C O     1 
HETATM 717 O  O     . HOH I 3 . ? -6.311  7.271   -19.245 1.00 52.38  ? 303 HOH C O     1 
HETATM 718 O  O     . HOH I 3 . ? -2.437  -3.779  -8.106  1.00 41.21  ? 304 HOH C O     1 
HETATM 719 O  O     . HOH I 3 . ? 3.013   -4.215  -7.159  1.00 57.51  ? 305 HOH C O     1 
HETATM 720 O  O     . HOH I 3 . ? -8.800  12.174  -3.150  1.00 57.52  ? 306 HOH C O     1 
HETATM 721 O  O     . HOH I 3 . ? 2.258   1.875   -11.287 1.00 52.19  ? 307 HOH C O     1 
HETATM 722 O  O     . HOH I 3 . ? -2.716  -0.797  1.714   1.00 44.84  ? 308 HOH C O     1 
HETATM 723 O  O     . HOH I 3 . ? -4.286  14.054  -18.113 1.00 49.16  ? 309 HOH C O     1 
HETATM 724 O  O     . HOH I 3 . ? 1.696   7.632   2.399   1.00 58.19  ? 310 HOH C O     1 
HETATM 725 O  O     . HOH I 3 . ? 4.817   -3.475  -13.593 1.00 43.50  ? 311 HOH C O     1 
HETATM 726 O  O     . HOH I 3 . ? -5.430  -2.374  -13.982 1.00 52.58  ? 312 HOH C O     1 
HETATM 727 O  O     . HOH I 3 . ? -4.193  7.682   -4.214  1.00 52.30  ? 313 HOH C O     1 
HETATM 728 O  O     . HOH I 3 . ? -3.916  14.090  0.653   1.00 47.84  ? 314 HOH C O     1 
HETATM 729 O  O     . HOH I 3 . ? 6.660   -0.473  -17.286 1.00 49.51  ? 315 HOH C O     1 
HETATM 730 O  O     . HOH J 3 . ? -12.711 0.093   -8.035  1.00 51.42  ? 301 HOH D O     1 
HETATM 731 O  O     . HOH J 3 . ? -11.650 -4.810  2.217   1.00 49.27  ? 302 HOH D O     1 
HETATM 732 O  O     . HOH J 3 . ? -5.251  -6.389  -6.114  1.00 44.42  ? 303 HOH D O     1 
HETATM 733 O  O     . HOH J 3 . ? -3.128  10.899  -8.961  1.00 52.05  ? 304 HOH D O     1 
HETATM 734 O  O     . HOH J 3 . ? -9.060  9.060   -8.828  1.00 50.35  ? 305 HOH D O     1 
HETATM 735 O  O     . HOH J 3 . ? -0.475  14.066  -4.155  1.00 53.60  ? 306 HOH D O     1 
HETATM 736 O  O     . HOH J 3 . ? -4.125  16.615  -13.299 1.00 46.55  ? 307 HOH D O     1 
HETATM 737 O  O     . HOH J 3 . ? -13.365 -2.589  -5.720  1.00 46.69  ? 308 HOH D O     1 
HETATM 738 O  O     . HOH J 3 . ? -7.443  10.254  -17.590 1.00 47.48  ? 309 HOH D O     1 
HETATM 739 O  O     . HOH J 3 . ? -3.837  -4.393  -5.639  1.00 46.24  ? 310 HOH D O     1 
HETATM 740 O  O     . HOH J 3 . ? -8.958  5.977   -17.066 1.00 48.79  ? 311 HOH D O     1 
HETATM 741 O  O     . HOH J 3 . ? 2.153   8.847   -9.044  1.00 54.42  ? 312 HOH D O     1 
HETATM 742 O  O     . HOH J 3 . ? -4.655  9.890   -6.945  1.00 53.73  ? 313 HOH D O     1 
HETATM 743 O  O     . HOH J 3 . ? -16.900 -0.902  -8.584  1.00 60.60  ? 314 HOH D O     1 
HETATM 744 O  O     . HOH J 3 . ? -13.945 0.758   -17.112 1.00 53.91  ? 315 HOH D O     1 
HETATM 745 O  O     . HOH J 3 . ? -14.148 -7.153  1.040   1.00 57.74  ? 316 HOH D O     1 
HETATM 746 O  O     . HOH J 3 . ? -7.096  9.257   -7.449  1.00 41.11  ? 317 HOH D O     1 
HETATM 747 O  O     . HOH J 3 . ? -13.246 10.094  -8.147  1.00 55.68  ? 318 HOH D O     1 
HETATM 748 O  O     . HOH J 3 . ? 1.092   11.323  -6.635  1.00 56.43  ? 319 HOH D O     1 
# 
